data_1H80
#
_entry.id   1H80
#
_cell.length_a   55.870
_cell.length_b   90.070
_cell.length_c   124.120
_cell.angle_alpha   90.00
_cell.angle_beta   93.53
_cell.angle_gamma   90.00
#
_symmetry.space_group_name_H-M   'P 1 21 1'
#
loop_
_entity.id
_entity.type
_entity.pdbx_description
1 polymer IOTA-CARRAGEENASE
2 non-polymer 'CALCIUM ION'
3 non-polymer 'CHLORIDE ION'
4 non-polymer 'SODIUM ION'
5 non-polymer GLYCEROL
6 water water
#
_entity_poly.entity_id   1
_entity_poly.type   'polypeptide(L)'
_entity_poly.pdbx_seq_one_letter_code
;VSPKTYKDADFYVAPTQQDVNYDLVDDFGANGNDTSDDSNALQRAINAISRKPNGGTLLIPNGTYHFLGIQMKSNVHIRV
ESDVIIKPTWNGDGKNHRLFEVGVNNIVRNFSFQGLGNGFLVDFKDSRDKNLAVFKLGDVRNYKISNFTIDDNKTIFASI
LVDVTERNGRLHWSRNGIIERIKQNNALFGYGLIQTYGADNILFRNLHSEGGIALRMETDNLLMKNYKQGGIRNIFADNI
RCSKGLAAVMFGPHFMKNGDVQVTNVSSVSCGSAVRSDSGFVELFSPTDEVHTRQSWKQAVESKLGRGCAQTPYARGNGG
TRWAARVTQKDACLDKAKLEYGIEPGSFGTVKVFDVTARFGYNADLKQDQLDYFSTSNPMCKRVCLPTKEQWSKQGQIYI
GPSLAAVIDTTPETSKYDYDVKTFNVKRINFPVNSHKTIDTNTESSRVCNYYGMSECSSSRWER
;
_entity_poly.pdbx_strand_id   A,B
#
loop_
_chem_comp.id
_chem_comp.type
_chem_comp.name
_chem_comp.formula
CA non-polymer 'CALCIUM ION' 'Ca 2'
CL non-polymer 'CHLORIDE ION' 'Cl -1'
GOL non-polymer GLYCEROL 'C3 H8 O3'
NA non-polymer 'SODIUM ION' 'Na 1'
#
# COMPACT_ATOMS: atom_id res chain seq x y z
N VAL A 1 -4.97 -9.85 31.44
CA VAL A 1 -5.50 -9.14 30.23
C VAL A 1 -4.75 -9.56 28.97
N SER A 2 -5.40 -9.36 27.83
CA SER A 2 -4.81 -9.68 26.54
C SER A 2 -4.67 -8.35 25.81
N PRO A 3 -3.52 -8.12 25.16
CA PRO A 3 -3.36 -6.84 24.45
C PRO A 3 -4.37 -6.61 23.34
N LYS A 4 -4.69 -5.34 23.11
CA LYS A 4 -5.63 -4.96 22.07
C LYS A 4 -4.93 -5.21 20.74
N THR A 5 -5.68 -5.60 19.72
CA THR A 5 -5.10 -5.86 18.40
C THR A 5 -5.27 -4.65 17.51
N TYR A 6 -4.57 -4.67 16.38
CA TYR A 6 -4.64 -3.58 15.42
C TYR A 6 -4.02 -4.02 14.11
N LYS A 7 -4.24 -3.23 13.07
CA LYS A 7 -3.67 -3.52 11.77
C LYS A 7 -2.91 -2.26 11.37
N ASP A 8 -1.92 -2.42 10.51
CA ASP A 8 -1.13 -1.27 10.09
C ASP A 8 -1.97 -0.16 9.47
N ALA A 9 -3.03 -0.54 8.76
CA ALA A 9 -3.89 0.45 8.11
C ALA A 9 -4.66 1.33 9.11
N ASP A 10 -4.62 0.97 10.38
CA ASP A 10 -5.29 1.78 11.39
C ASP A 10 -4.44 3.02 11.65
N PHE A 11 -3.18 2.95 11.22
CA PHE A 11 -2.24 4.05 11.44
C PHE A 11 -1.80 4.75 10.17
N TYR A 12 -1.44 3.96 9.17
CA TYR A 12 -0.94 4.52 7.91
C TYR A 12 -1.61 3.89 6.71
N VAL A 13 -2.00 4.73 5.76
CA VAL A 13 -2.62 4.27 4.53
C VAL A 13 -1.74 4.73 3.38
N ALA A 14 -1.15 3.76 2.68
CA ALA A 14 -0.28 4.05 1.56
C ALA A 14 -1.04 4.53 0.33
N PRO A 15 -0.38 5.28 -0.55
CA PRO A 15 -1.06 5.75 -1.75
C PRO A 15 -1.28 4.57 -2.68
N THR A 16 -2.36 4.60 -3.45
CA THR A 16 -2.66 3.51 -4.37
C THR A 16 -2.40 3.93 -5.82
N GLN A 17 -2.12 5.22 -6.00
CA GLN A 17 -1.84 5.76 -7.32
C GLN A 17 -0.95 6.98 -7.14
N GLN A 18 0.02 7.16 -8.01
CA GLN A 18 0.92 8.30 -7.92
C GLN A 18 1.13 8.89 -9.30
N ASP A 19 1.63 10.12 -9.33
CA ASP A 19 1.87 10.78 -10.60
C ASP A 19 3.28 10.59 -11.15
N VAL A 20 4.27 10.56 -10.27
CA VAL A 20 5.66 10.42 -10.71
C VAL A 20 6.55 9.54 -9.84
N ASN A 21 7.67 9.17 -10.43
CA ASN A 21 8.72 8.38 -9.75
C ASN A 21 10.01 9.06 -10.22
N TYR A 22 10.69 9.74 -9.31
CA TYR A 22 11.94 10.43 -9.63
C TYR A 22 13.13 9.81 -8.90
N ASP A 23 14.32 10.09 -9.44
CA ASP A 23 15.57 9.61 -8.84
C ASP A 23 16.31 10.88 -8.43
N LEU A 24 16.75 10.94 -7.18
CA LEU A 24 17.44 12.11 -6.67
C LEU A 24 18.66 12.53 -7.48
N VAL A 25 19.44 11.55 -7.92
CA VAL A 25 20.64 11.83 -8.69
C VAL A 25 20.36 12.13 -10.16
N ASP A 26 19.64 11.24 -10.83
CA ASP A 26 19.38 11.33 -12.27
C ASP A 26 18.45 12.51 -12.57
N ASP A 27 17.44 12.75 -11.76
CA ASP A 27 16.47 13.81 -12.04
C ASP A 27 16.74 15.15 -11.37
N PHE A 28 17.46 15.14 -10.26
CA PHE A 28 17.71 16.39 -9.56
C PHE A 28 19.17 16.77 -9.32
N GLY A 29 20.07 15.98 -9.90
CA GLY A 29 21.49 16.28 -9.81
C GLY A 29 22.23 16.17 -8.48
N ALA A 30 21.73 15.40 -7.54
CA ALA A 30 22.45 15.25 -6.28
C ALA A 30 23.70 14.44 -6.63
N ASN A 31 24.71 14.51 -5.78
CA ASN A 31 25.95 13.76 -6.03
C ASN A 31 26.30 12.94 -4.80
N GLY A 32 26.19 11.62 -4.92
CA GLY A 32 26.50 10.75 -3.80
C GLY A 32 27.93 10.22 -3.83
N ASN A 33 28.77 10.84 -4.63
CA ASN A 33 30.16 10.42 -4.75
C ASN A 33 31.15 11.44 -4.18
N ASP A 34 30.64 12.57 -3.72
CA ASP A 34 31.50 13.60 -3.14
C ASP A 34 31.15 13.87 -1.70
N THR A 35 31.69 14.96 -1.15
CA THR A 35 31.43 15.31 0.24
C THR A 35 30.66 16.63 0.31
N SER A 36 30.09 17.04 -0.81
CA SER A 36 29.34 18.29 -0.90
C SER A 36 27.86 18.15 -0.56
N ASP A 37 27.29 19.24 -0.06
CA ASP A 37 25.89 19.31 0.35
C ASP A 37 24.91 18.95 -0.77
N ASP A 38 23.94 18.10 -0.44
CA ASP A 38 22.94 17.66 -1.41
C ASP A 38 21.54 18.12 -1.02
N SER A 39 21.46 19.00 -0.03
CA SER A 39 20.18 19.49 0.46
C SER A 39 19.28 20.14 -0.58
N ASN A 40 19.85 21.03 -1.40
CA ASN A 40 19.04 21.70 -2.40
C ASN A 40 18.45 20.72 -3.40
N ALA A 41 19.25 19.74 -3.81
CA ALA A 41 18.78 18.73 -4.76
C ALA A 41 17.58 18.01 -4.17
N LEU A 42 17.71 17.59 -2.93
CA LEU A 42 16.62 16.88 -2.26
C LEU A 42 15.41 17.78 -2.08
N GLN A 43 15.62 19.04 -1.69
CA GLN A 43 14.49 19.93 -1.50
C GLN A 43 13.76 20.18 -2.81
N ARG A 44 14.51 20.34 -3.90
CA ARG A 44 13.89 20.55 -5.20
C ARG A 44 13.06 19.32 -5.60
N ALA A 45 13.59 18.14 -5.29
CA ALA A 45 12.88 16.90 -5.62
C ALA A 45 11.57 16.82 -4.85
N ILE A 46 11.66 17.07 -3.55
CA ILE A 46 10.48 17.05 -2.69
C ILE A 46 9.44 18.06 -3.17
N ASN A 47 9.88 19.27 -3.45
CA ASN A 47 8.96 20.30 -3.92
C ASN A 47 8.29 19.92 -5.23
N ALA A 48 9.06 19.38 -6.16
CA ALA A 48 8.54 18.97 -7.45
C ALA A 48 7.48 17.88 -7.31
N ILE A 49 7.76 16.90 -6.46
CA ILE A 49 6.82 15.81 -6.26
C ILE A 49 5.55 16.27 -5.56
N SER A 50 5.69 17.11 -4.54
CA SER A 50 4.52 17.58 -3.81
C SER A 50 3.60 18.45 -4.64
N ARG A 51 4.12 19.04 -5.71
CA ARG A 51 3.31 19.88 -6.60
C ARG A 51 2.33 19.03 -7.41
N LYS A 52 2.64 17.74 -7.56
CA LYS A 52 1.76 16.85 -8.32
C LYS A 52 0.56 16.47 -7.47
N PRO A 53 -0.65 16.53 -8.06
CA PRO A 53 -1.89 16.19 -7.35
C PRO A 53 -1.86 14.86 -6.59
N ASN A 54 -1.32 13.83 -7.22
CA ASN A 54 -1.25 12.51 -6.58
C ASN A 54 0.14 12.19 -6.06
N GLY A 55 1.00 13.21 -6.01
CA GLY A 55 2.36 13.02 -5.50
C GLY A 55 3.20 12.01 -6.23
N GLY A 56 4.12 11.40 -5.50
CA GLY A 56 4.99 10.42 -6.13
C GLY A 56 6.06 9.92 -5.20
N THR A 57 6.95 9.12 -5.78
CA THR A 57 8.05 8.52 -5.03
C THR A 57 9.38 9.08 -5.48
N LEU A 58 10.27 9.26 -4.51
CA LEU A 58 11.61 9.74 -4.80
C LEU A 58 12.57 8.65 -4.36
N LEU A 59 13.43 8.22 -5.27
CA LEU A 59 14.40 7.20 -4.93
C LEU A 59 15.73 7.88 -4.65
N ILE A 60 16.32 7.56 -3.50
CA ILE A 60 17.64 8.09 -3.16
C ILE A 60 18.51 6.86 -3.41
N PRO A 61 19.25 6.87 -4.53
CA PRO A 61 20.12 5.76 -4.91
C PRO A 61 21.40 5.63 -4.11
N ASN A 62 22.00 4.46 -4.16
CA ASN A 62 23.22 4.19 -3.42
C ASN A 62 24.26 5.29 -3.59
N GLY A 63 24.83 5.69 -2.47
CA GLY A 63 25.84 6.73 -2.45
C GLY A 63 25.84 7.38 -1.10
N THR A 64 26.68 8.39 -0.92
CA THR A 64 26.76 9.12 0.33
C THR A 64 26.25 10.52 0.10
N TYR A 65 25.27 10.92 0.89
CA TYR A 65 24.66 12.23 0.75
C TYR A 65 24.75 13.05 2.01
N HIS A 66 24.83 14.36 1.83
CA HIS A 66 24.88 15.29 2.94
C HIS A 66 23.61 16.14 2.88
N PHE A 67 22.80 16.02 3.93
CA PHE A 67 21.55 16.77 4.01
C PHE A 67 21.45 17.48 5.35
N LEU A 68 20.65 18.54 5.39
CA LEU A 68 20.39 19.27 6.61
C LEU A 68 19.23 20.23 6.41
N GLY A 69 18.32 20.26 7.38
CA GLY A 69 17.19 21.16 7.32
C GLY A 69 16.23 20.96 6.17
N ILE A 70 16.04 19.70 5.77
CA ILE A 70 15.15 19.39 4.66
C ILE A 70 13.70 19.53 5.13
N GLN A 71 12.87 20.19 4.32
CA GLN A 71 11.47 20.38 4.65
C GLN A 71 10.63 19.39 3.84
N MET A 72 10.07 18.40 4.52
CA MET A 72 9.26 17.42 3.83
C MET A 72 7.92 18.04 3.45
N LYS A 73 7.26 17.46 2.45
CA LYS A 73 5.98 17.97 2.00
C LYS A 73 5.00 16.84 1.71
N SER A 74 3.73 17.21 1.60
CA SER A 74 2.66 16.26 1.36
C SER A 74 2.80 15.42 0.10
N ASN A 75 2.34 14.18 0.22
CA ASN A 75 2.33 13.22 -0.87
C ASN A 75 3.68 12.89 -1.46
N VAL A 76 4.71 12.96 -0.63
CA VAL A 76 6.06 12.63 -1.04
C VAL A 76 6.43 11.34 -0.34
N HIS A 77 6.89 10.37 -1.12
CA HIS A 77 7.25 9.07 -0.57
C HIS A 77 8.66 8.75 -0.98
N ILE A 78 9.55 8.84 -0.02
CA ILE A 78 10.96 8.61 -0.24
C ILE A 78 11.38 7.18 0.05
N ARG A 79 12.10 6.60 -0.90
CA ARG A 79 12.61 5.23 -0.75
C ARG A 79 14.12 5.35 -0.90
N VAL A 80 14.82 4.71 0.02
CA VAL A 80 16.27 4.79 0.04
C VAL A 80 16.95 3.45 -0.21
N GLU A 81 17.88 3.41 -1.17
CA GLU A 81 18.55 2.15 -1.44
C GLU A 81 19.36 1.69 -0.24
N SER A 82 19.58 0.38 -0.17
CA SER A 82 20.24 -0.25 0.97
C SER A 82 21.70 0.07 1.32
N ASP A 83 22.46 0.62 0.37
CA ASP A 83 23.85 0.95 0.67
C ASP A 83 24.04 2.45 0.84
N VAL A 84 22.93 3.17 0.92
CA VAL A 84 23.00 4.62 1.09
C VAL A 84 23.51 5.01 2.46
N ILE A 85 24.30 6.07 2.49
CA ILE A 85 24.82 6.60 3.74
C ILE A 85 24.43 8.07 3.72
N ILE A 86 23.71 8.50 4.75
CA ILE A 86 23.28 9.88 4.85
C ILE A 86 24.00 10.51 6.03
N LYS A 87 24.64 11.65 5.77
CA LYS A 87 25.36 12.37 6.80
C LYS A 87 24.84 13.79 6.89
N PRO A 88 24.94 14.42 8.07
CA PRO A 88 24.46 15.78 8.21
C PRO A 88 25.44 16.80 7.63
N THR A 89 24.92 17.72 6.82
CA THR A 89 25.75 18.75 6.23
C THR A 89 26.20 19.67 7.35
N TRP A 90 27.46 20.07 7.32
CA TRP A 90 27.98 20.95 8.35
C TRP A 90 27.37 22.34 8.33
N ASN A 91 26.93 22.80 9.50
CA ASN A 91 26.35 24.12 9.66
C ASN A 91 26.89 24.63 11.00
N GLY A 92 27.73 25.66 10.95
CA GLY A 92 28.30 26.19 12.18
C GLY A 92 27.54 27.29 12.88
N ASP A 93 26.26 27.45 12.58
CA ASP A 93 25.47 28.50 13.22
C ASP A 93 25.26 28.22 14.72
N GLY A 94 25.54 26.99 15.12
CA GLY A 94 25.39 26.61 16.52
C GLY A 94 23.98 26.32 16.98
N LYS A 95 23.00 26.36 16.07
CA LYS A 95 21.61 26.09 16.43
C LYS A 95 21.32 24.61 16.42
N ASN A 96 20.14 24.24 16.90
CA ASN A 96 19.73 22.84 16.92
C ASN A 96 19.38 22.47 15.48
N HIS A 97 19.98 21.39 14.99
CA HIS A 97 19.75 20.97 13.63
C HIS A 97 19.10 19.62 13.49
N ARG A 98 18.42 19.43 12.36
CA ARG A 98 17.75 18.17 12.05
C ARG A 98 18.01 17.89 10.58
N LEU A 99 18.13 16.63 10.22
CA LEU A 99 18.35 16.28 8.83
C LEU A 99 17.04 16.55 8.11
N PHE A 100 15.94 16.08 8.70
CA PHE A 100 14.63 16.22 8.10
C PHE A 100 13.57 16.78 9.05
N GLU A 101 12.77 17.71 8.55
CA GLU A 101 11.70 18.28 9.34
C GLU A 101 10.41 17.95 8.61
N VAL A 102 9.42 17.46 9.35
CA VAL A 102 8.15 17.06 8.74
C VAL A 102 6.98 17.72 9.45
N GLY A 103 6.46 18.79 8.86
CA GLY A 103 5.33 19.48 9.45
C GLY A 103 5.72 20.49 10.50
N VAL A 104 6.99 20.85 10.55
CA VAL A 104 7.45 21.83 11.52
C VAL A 104 7.06 23.23 11.09
N ASN A 105 7.33 23.55 9.83
CA ASN A 105 7.02 24.87 9.28
C ASN A 105 5.91 24.87 8.25
N ASN A 106 5.22 23.74 8.11
CA ASN A 106 4.13 23.62 7.16
C ASN A 106 3.23 22.47 7.56
N ILE A 107 2.26 22.16 6.70
CA ILE A 107 1.32 21.09 6.97
C ILE A 107 1.64 19.95 6.02
N VAL A 108 1.89 18.76 6.57
CA VAL A 108 2.21 17.61 5.73
C VAL A 108 1.21 16.49 5.93
N ARG A 109 0.75 15.93 4.82
CA ARG A 109 -0.21 14.83 4.83
C ARG A 109 0.25 13.78 3.83
N ASN A 110 0.16 12.51 4.21
CA ASN A 110 0.53 11.40 3.33
C ASN A 110 2.01 11.46 2.98
N PHE A 111 2.83 11.04 3.92
CA PHE A 111 4.27 11.08 3.73
C PHE A 111 4.95 9.81 4.19
N SER A 112 5.98 9.36 3.47
CA SER A 112 6.71 8.19 3.92
C SER A 112 8.18 8.33 3.55
N PHE A 113 9.02 7.74 4.39
CA PHE A 113 10.47 7.75 4.22
C PHE A 113 10.84 6.34 4.66
N GLN A 114 11.21 5.50 3.70
CA GLN A 114 11.51 4.13 4.03
C GLN A 114 12.72 3.55 3.32
N GLY A 115 13.53 2.81 4.06
CA GLY A 115 14.70 2.19 3.48
C GLY A 115 14.29 0.89 2.80
N LEU A 116 14.90 0.62 1.65
CA LEU A 116 14.65 -0.60 0.93
C LEU A 116 15.54 -1.69 1.52
N GLY A 117 15.18 -2.94 1.28
CA GLY A 117 15.99 -4.06 1.75
C GLY A 117 16.25 -4.07 3.25
N ASN A 118 17.51 -4.27 3.64
CA ASN A 118 17.84 -4.32 5.05
C ASN A 118 18.10 -2.94 5.66
N GLY A 119 17.74 -1.90 4.93
CA GLY A 119 17.90 -0.54 5.45
C GLY A 119 19.19 0.14 5.11
N PHE A 120 19.23 1.44 5.38
CA PHE A 120 20.41 2.24 5.08
C PHE A 120 21.01 2.79 6.35
N LEU A 121 22.02 3.62 6.19
CA LEU A 121 22.71 4.19 7.33
C LEU A 121 22.68 5.71 7.41
N VAL A 122 22.38 6.21 8.60
CA VAL A 122 22.43 7.64 8.87
C VAL A 122 23.66 7.67 9.75
N ASP A 123 24.70 8.38 9.31
CA ASP A 123 25.96 8.41 10.04
C ASP A 123 26.33 9.76 10.65
N PHE A 124 26.43 9.79 11.97
CA PHE A 124 26.79 11.02 12.69
C PHE A 124 28.22 10.91 13.22
N LYS A 125 28.87 9.78 12.99
CA LYS A 125 30.22 9.56 13.50
C LYS A 125 31.29 10.58 13.14
N ASP A 126 31.22 11.14 11.94
CA ASP A 126 32.22 12.13 11.53
C ASP A 126 31.74 13.57 11.60
N SER A 127 30.57 13.79 12.21
CA SER A 127 30.02 15.13 12.32
C SER A 127 30.61 15.92 13.47
N ARG A 128 30.81 17.21 13.24
CA ARG A 128 31.35 18.09 14.27
C ARG A 128 30.19 18.76 15.00
N ASP A 129 28.98 18.48 14.53
CA ASP A 129 27.75 19.03 15.10
C ASP A 129 27.22 18.09 16.18
N LYS A 130 27.05 18.59 17.40
CA LYS A 130 26.55 17.75 18.48
C LYS A 130 25.04 17.90 18.68
N ASN A 131 24.45 18.94 18.08
CA ASN A 131 23.02 19.18 18.20
C ASN A 131 22.30 18.67 16.96
N LEU A 132 22.13 17.35 16.90
CA LEU A 132 21.51 16.72 15.75
C LEU A 132 20.38 15.74 16.03
N ALA A 133 19.33 15.84 15.24
CA ALA A 133 18.19 14.93 15.32
C ALA A 133 18.01 14.50 13.87
N VAL A 134 17.50 13.28 13.66
CA VAL A 134 17.30 12.81 12.29
C VAL A 134 15.99 13.37 11.75
N PHE A 135 14.92 13.22 12.53
CA PHE A 135 13.61 13.72 12.15
C PHE A 135 12.97 14.53 13.26
N LYS A 136 12.35 15.65 12.89
CA LYS A 136 11.61 16.44 13.86
C LYS A 136 10.23 16.47 13.22
N LEU A 137 9.25 15.90 13.89
CA LEU A 137 7.89 15.84 13.36
C LEU A 137 7.01 16.89 14.02
N GLY A 138 6.12 17.46 13.21
CA GLY A 138 5.20 18.47 13.72
C GLY A 138 3.79 18.17 13.21
N ASP A 139 3.26 19.08 12.40
CA ASP A 139 1.93 18.92 11.85
C ASP A 139 1.94 17.99 10.63
N VAL A 140 2.01 16.69 10.91
CA VAL A 140 2.03 15.68 9.86
C VAL A 140 1.07 14.55 10.23
N ARG A 141 0.30 14.08 9.26
CA ARG A 141 -0.64 13.00 9.48
C ARG A 141 -0.54 12.02 8.33
N ASN A 142 -0.77 10.75 8.67
CA ASN A 142 -0.70 9.63 7.75
C ASN A 142 0.71 9.51 7.21
N TYR A 143 1.60 9.03 8.06
CA TYR A 143 2.99 8.91 7.69
C TYR A 143 3.63 7.62 8.13
N LYS A 144 4.76 7.32 7.51
CA LYS A 144 5.50 6.12 7.83
C LYS A 144 6.97 6.41 7.67
N ILE A 145 7.74 6.16 8.73
CA ILE A 145 9.19 6.36 8.74
C ILE A 145 9.70 4.97 9.12
N SER A 146 10.57 4.41 8.27
CA SER A 146 10.99 3.03 8.48
C SER A 146 12.33 2.58 7.93
N ASN A 147 12.90 1.57 8.58
CA ASN A 147 14.09 0.90 8.13
C ASN A 147 15.46 1.54 7.87
N PHE A 148 16.16 1.88 8.95
CA PHE A 148 17.50 2.41 8.82
C PHE A 148 18.20 2.33 10.16
N THR A 149 19.51 2.47 10.09
CA THR A 149 20.34 2.41 11.28
C THR A 149 20.94 3.80 11.45
N ILE A 150 21.06 4.22 12.70
CA ILE A 150 21.62 5.53 13.01
C ILE A 150 22.89 5.30 13.81
N ASP A 151 24.04 5.63 13.21
CA ASP A 151 25.31 5.52 13.91
C ASP A 151 25.51 6.85 14.57
N ASP A 152 25.11 6.93 15.83
CA ASP A 152 25.20 8.16 16.61
C ASP A 152 26.60 8.31 17.18
N ASN A 153 26.85 9.46 17.78
CA ASN A 153 28.13 9.75 18.40
C ASN A 153 27.79 10.55 19.65
N LYS A 154 26.87 10.00 20.43
CA LYS A 154 26.40 10.62 21.66
C LYS A 154 26.01 12.08 21.46
N THR A 155 25.24 12.33 20.39
CA THR A 155 24.81 13.68 20.12
C THR A 155 23.64 14.05 21.02
N ILE A 156 23.39 15.35 21.15
CA ILE A 156 22.27 15.83 21.94
C ILE A 156 21.03 15.56 21.10
N PHE A 157 19.88 15.43 21.77
CA PHE A 157 18.58 15.18 21.12
C PHE A 157 18.34 13.74 20.70
N ALA A 158 17.11 13.29 20.92
CA ALA A 158 16.72 11.95 20.50
C ALA A 158 16.70 12.05 18.98
N SER A 159 16.88 10.93 18.31
CA SER A 159 16.91 10.93 16.85
C SER A 159 15.61 11.29 16.17
N ILE A 160 14.49 10.86 16.74
CA ILE A 160 13.19 11.16 16.18
C ILE A 160 12.37 11.91 17.22
N LEU A 161 12.08 13.16 16.93
CA LEU A 161 11.32 14.00 17.83
C LEU A 161 9.89 14.07 17.36
N VAL A 162 8.99 13.39 18.07
CA VAL A 162 7.57 13.39 17.74
C VAL A 162 7.08 14.60 18.52
N ASP A 163 7.33 15.76 17.94
CA ASP A 163 7.07 17.04 18.58
C ASP A 163 5.82 17.83 18.22
N VAL A 164 5.72 19.01 18.83
CA VAL A 164 4.62 19.92 18.60
C VAL A 164 5.17 21.15 17.90
N THR A 165 4.30 21.90 17.24
CA THR A 165 4.70 23.12 16.56
C THR A 165 3.59 24.14 16.71
N GLU A 166 3.97 25.41 16.80
CA GLU A 166 3.00 26.48 16.96
C GLU A 166 2.54 27.08 15.63
N ARG A 167 1.24 27.28 15.50
CA ARG A 167 0.66 27.88 14.31
C ARG A 167 -0.75 28.37 14.60
N ASN A 168 -1.03 29.60 14.18
CA ASN A 168 -2.32 30.22 14.38
C ASN A 168 -2.78 30.25 15.84
N GLY A 169 -1.84 30.48 16.75
CA GLY A 169 -2.17 30.58 18.16
C GLY A 169 -2.32 29.31 18.98
N ARG A 170 -2.05 28.16 18.38
CA ARG A 170 -2.18 26.91 19.13
C ARG A 170 -1.12 25.90 18.68
N LEU A 171 -1.07 24.76 19.37
CA LEU A 171 -0.11 23.72 19.03
C LEU A 171 -0.68 22.66 18.11
N HIS A 172 0.19 22.11 17.29
CA HIS A 172 -0.17 21.07 16.35
C HIS A 172 0.87 19.97 16.46
N TRP A 173 0.47 18.73 16.21
CA TRP A 173 1.40 17.62 16.30
C TRP A 173 0.93 16.50 15.41
N SER A 174 1.71 15.43 15.35
CA SER A 174 1.37 14.33 14.44
C SER A 174 0.31 13.35 14.89
N ARG A 175 -0.33 12.75 13.89
CA ARG A 175 -1.37 11.77 14.11
C ARG A 175 -1.32 10.76 12.98
N ASN A 176 -1.69 9.53 13.30
CA ASN A 176 -1.76 8.45 12.31
C ASN A 176 -0.44 8.20 11.61
N GLY A 177 0.42 7.47 12.27
CA GLY A 177 1.71 7.18 11.67
C GLY A 177 2.34 5.93 12.22
N ILE A 178 3.35 5.46 11.52
CA ILE A 178 4.09 4.28 11.91
C ILE A 178 5.57 4.64 11.86
N ILE A 179 6.27 4.39 12.94
CA ILE A 179 7.72 4.65 13.00
C ILE A 179 8.26 3.28 13.36
N GLU A 180 9.01 2.68 12.44
CA GLU A 180 9.47 1.32 12.69
C GLU A 180 10.80 0.92 12.08
N ARG A 181 11.31 -0.22 12.55
CA ARG A 181 12.55 -0.78 12.06
C ARG A 181 13.71 0.18 12.05
N ILE A 182 14.08 0.65 13.23
CA ILE A 182 15.20 1.57 13.35
C ILE A 182 16.10 1.10 14.47
N LYS A 183 17.40 1.17 14.23
CA LYS A 183 18.39 0.79 15.22
C LYS A 183 19.30 1.98 15.39
N GLN A 184 19.56 2.36 16.63
CA GLN A 184 20.45 3.47 16.91
C GLN A 184 21.63 2.98 17.72
N ASN A 185 22.83 3.30 17.26
CA ASN A 185 24.04 2.89 17.96
C ASN A 185 24.69 4.08 18.65
N ASN A 186 25.26 3.81 19.82
CA ASN A 186 25.98 4.80 20.61
C ASN A 186 25.23 6.10 20.90
N ALA A 187 24.07 5.98 21.52
CA ALA A 187 23.26 7.15 21.89
C ALA A 187 23.72 7.70 23.24
N LEU A 188 23.52 8.99 23.44
CA LEU A 188 23.87 9.63 24.71
C LEU A 188 22.79 9.24 25.71
N PHE A 189 23.19 9.01 26.96
CA PHE A 189 22.24 8.58 27.99
C PHE A 189 20.97 9.40 28.14
N GLY A 190 21.09 10.72 27.97
CA GLY A 190 19.93 11.58 28.14
C GLY A 190 18.97 11.59 26.97
N TYR A 191 19.30 10.84 25.93
CA TYR A 191 18.44 10.82 24.76
C TYR A 191 18.13 9.42 24.26
N GLY A 192 18.32 9.18 22.97
CA GLY A 192 18.01 7.86 22.45
C GLY A 192 17.33 7.95 21.11
N LEU A 193 16.53 6.95 20.79
CA LEU A 193 15.88 6.89 19.50
C LEU A 193 14.65 7.78 19.32
N ILE A 194 13.62 7.56 20.15
CA ILE A 194 12.40 8.34 20.05
C ILE A 194 12.09 9.13 21.32
N GLN A 195 11.63 10.36 21.16
CA GLN A 195 11.16 11.11 22.31
C GLN A 195 9.84 11.67 21.82
N THR A 196 8.78 11.43 22.58
CA THR A 196 7.44 11.88 22.20
C THR A 196 6.93 13.02 23.05
N TYR A 197 6.38 14.04 22.40
CA TYR A 197 5.83 15.20 23.09
C TYR A 197 4.33 15.29 22.81
N GLY A 198 3.98 15.29 21.53
CA GLY A 198 2.59 15.36 21.14
C GLY A 198 2.37 14.31 20.08
N ALA A 199 1.34 13.47 20.26
CA ALA A 199 1.08 12.43 19.29
C ALA A 199 -0.25 11.75 19.52
N ASP A 200 -0.90 11.36 18.43
CA ASP A 200 -2.16 10.67 18.49
C ASP A 200 -2.16 9.54 17.47
N ASN A 201 -2.48 8.33 17.93
CA ASN A 201 -2.55 7.18 17.06
C ASN A 201 -1.27 6.92 16.27
N ILE A 202 -0.20 6.64 16.99
CA ILE A 202 1.08 6.34 16.38
C ILE A 202 1.48 4.92 16.79
N LEU A 203 2.06 4.19 15.86
CA LEU A 203 2.54 2.84 16.13
C LEU A 203 4.06 2.87 16.05
N PHE A 204 4.71 2.46 17.14
CA PHE A 204 6.17 2.39 17.22
C PHE A 204 6.48 0.90 17.21
N ARG A 205 7.29 0.46 16.27
CA ARG A 205 7.57 -0.98 16.17
C ARG A 205 8.98 -1.33 15.75
N ASN A 206 9.55 -2.34 16.40
CA ASN A 206 10.89 -2.82 16.09
C ASN A 206 11.89 -1.67 16.15
N LEU A 207 12.05 -1.13 17.35
CA LEU A 207 12.97 -0.02 17.59
C LEU A 207 13.98 -0.49 18.61
N HIS A 208 15.26 -0.18 18.38
CA HIS A 208 16.31 -0.61 19.29
C HIS A 208 17.32 0.51 19.43
N SER A 209 17.61 0.89 20.67
CA SER A 209 18.59 1.94 20.91
C SER A 209 19.68 1.41 21.84
N GLU A 210 20.93 1.67 21.47
CA GLU A 210 22.07 1.28 22.28
C GLU A 210 22.42 2.57 23.00
N GLY A 211 22.15 2.62 24.30
CA GLY A 211 22.41 3.82 25.07
C GLY A 211 21.11 4.61 25.17
N GLY A 212 20.96 5.39 26.24
CA GLY A 212 19.75 6.18 26.41
C GLY A 212 18.49 5.35 26.50
N ILE A 213 17.40 5.85 25.91
CA ILE A 213 16.12 5.16 25.94
C ILE A 213 15.57 5.04 24.52
N ALA A 214 15.08 3.86 24.17
CA ALA A 214 14.56 3.63 22.82
C ALA A 214 13.26 4.39 22.58
N LEU A 215 12.28 4.19 23.45
CA LEU A 215 11.00 4.88 23.33
C LEU A 215 10.81 5.69 24.60
N ARG A 216 11.21 6.95 24.52
CA ARG A 216 11.15 7.87 25.63
C ARG A 216 9.89 8.71 25.61
N MET A 217 8.86 8.25 26.32
CA MET A 217 7.61 8.98 26.36
C MET A 217 7.68 9.94 27.53
N GLU A 218 8.58 10.91 27.37
CA GLU A 218 8.81 11.95 28.36
C GLU A 218 8.30 13.23 27.73
N THR A 219 7.05 13.54 28.05
CA THR A 219 6.36 14.70 27.51
C THR A 219 6.65 15.97 28.29
N ASP A 220 7.80 16.59 28.02
CA ASP A 220 8.20 17.79 28.76
C ASP A 220 8.53 19.05 27.97
N ASN A 221 8.01 19.18 26.75
CA ASN A 221 8.27 20.37 25.95
C ASN A 221 7.57 21.56 26.62
N LEU A 222 8.32 22.61 26.91
CA LEU A 222 7.77 23.81 27.56
C LEU A 222 6.56 24.39 26.84
N LEU A 223 6.55 24.33 25.52
CA LEU A 223 5.42 24.85 24.74
C LEU A 223 4.12 24.22 25.18
N MET A 224 4.15 22.93 25.48
CA MET A 224 2.95 22.23 25.89
C MET A 224 2.46 22.70 27.25
N LYS A 225 3.38 23.18 28.07
CA LYS A 225 3.02 23.68 29.39
C LYS A 225 2.33 25.03 29.24
N ASN A 226 2.91 25.88 28.40
CA ASN A 226 2.37 27.22 28.16
C ASN A 226 0.99 27.19 27.48
N TYR A 227 0.86 26.36 26.45
CA TYR A 227 -0.40 26.24 25.72
C TYR A 227 -1.40 25.28 26.33
N LYS A 228 -0.92 24.42 27.23
CA LYS A 228 -1.78 23.42 27.86
C LYS A 228 -2.41 22.56 26.77
N GLN A 229 -1.57 22.20 25.80
CA GLN A 229 -1.98 21.38 24.68
C GLN A 229 -0.85 20.43 24.34
N GLY A 230 -1.19 19.28 23.79
CA GLY A 230 -0.17 18.32 23.43
C GLY A 230 -0.36 16.99 24.12
N GLY A 231 0.75 16.33 24.43
CA GLY A 231 0.68 15.04 25.08
C GLY A 231 0.45 13.94 24.07
N ILE A 232 0.45 12.69 24.53
CA ILE A 232 0.25 11.57 23.64
C ILE A 232 -0.94 10.73 24.06
N ARG A 233 -1.66 10.22 23.07
CA ARG A 233 -2.84 9.40 23.31
C ARG A 233 -2.95 8.32 22.25
N ASN A 234 -3.50 7.17 22.65
CA ASN A 234 -3.69 6.05 21.75
C ASN A 234 -2.41 5.69 21.02
N ILE A 235 -1.39 5.42 21.81
CA ILE A 235 -0.09 5.05 21.28
C ILE A 235 0.07 3.54 21.40
N PHE A 236 0.65 2.93 20.38
CA PHE A 236 0.89 1.50 20.38
C PHE A 236 2.36 1.27 20.07
N ALA A 237 2.95 0.32 20.78
CA ALA A 237 4.35 0.00 20.58
C ALA A 237 4.52 -1.49 20.64
N ASP A 238 5.42 -2.00 19.80
CA ASP A 238 5.69 -3.43 19.75
C ASP A 238 7.15 -3.68 19.40
N ASN A 239 7.77 -4.58 20.16
CA ASN A 239 9.17 -4.94 19.95
C ASN A 239 10.09 -3.72 20.09
N ILE A 240 10.20 -3.25 21.34
CA ILE A 240 11.05 -2.10 21.66
C ILE A 240 12.20 -2.67 22.48
N ARG A 241 13.42 -2.34 22.08
CA ARG A 241 14.60 -2.88 22.73
C ARG A 241 15.65 -1.87 23.15
N CYS A 242 16.34 -2.20 24.23
CA CYS A 242 17.41 -1.36 24.76
C CYS A 242 18.65 -2.22 24.97
N SER A 243 19.83 -1.62 24.81
CA SER A 243 21.10 -2.31 25.05
C SER A 243 22.07 -1.27 25.59
N LYS A 244 22.74 -1.61 26.69
CA LYS A 244 23.70 -0.70 27.31
C LYS A 244 23.13 0.70 27.53
N GLY A 245 21.87 0.76 27.94
CA GLY A 245 21.25 2.06 28.16
C GLY A 245 20.46 2.14 29.45
N LEU A 246 19.54 3.11 29.50
CA LEU A 246 18.71 3.33 30.67
C LEU A 246 17.50 2.39 30.68
N ALA A 247 16.76 2.38 29.58
CA ALA A 247 15.57 1.55 29.47
C ALA A 247 15.11 1.49 28.03
N ALA A 248 14.30 0.49 27.71
CA ALA A 248 13.76 0.35 26.36
C ALA A 248 12.56 1.26 26.26
N VAL A 249 11.73 1.23 27.28
CA VAL A 249 10.53 2.04 27.31
C VAL A 249 10.46 2.83 28.60
N MET A 250 10.17 4.12 28.49
CA MET A 250 10.08 4.96 29.67
C MET A 250 8.90 5.91 29.62
N PHE A 251 8.22 6.05 30.76
CA PHE A 251 7.07 6.94 30.87
C PHE A 251 7.45 8.03 31.86
N GLY A 252 7.35 9.28 31.43
CA GLY A 252 7.66 10.40 32.29
C GLY A 252 6.78 11.54 31.80
N PRO A 253 5.56 11.65 32.34
CA PRO A 253 4.62 12.71 31.93
C PRO A 253 4.94 14.13 32.35
N HIS A 254 5.83 14.28 33.32
CA HIS A 254 6.17 15.61 33.82
C HIS A 254 4.88 16.32 34.23
N PHE A 255 4.50 17.38 33.51
CA PHE A 255 3.30 18.15 33.82
C PHE A 255 2.10 17.83 32.94
N MET A 256 2.32 17.02 31.91
CA MET A 256 1.28 16.69 30.95
C MET A 256 0.36 15.52 31.25
N LYS A 257 -0.93 15.72 30.96
CA LYS A 257 -1.92 14.69 31.14
C LYS A 257 -2.02 13.95 29.81
N ASN A 258 -1.46 12.74 29.76
CA ASN A 258 -1.46 11.94 28.55
C ASN A 258 -2.56 10.89 28.57
N GLY A 259 -2.75 10.23 27.43
CA GLY A 259 -3.77 9.21 27.31
C GLY A 259 -3.28 7.78 27.44
N ASP A 260 -3.91 6.89 26.69
CA ASP A 260 -3.58 5.47 26.74
C ASP A 260 -2.40 5.06 25.89
N VAL A 261 -1.66 4.07 26.39
CA VAL A 261 -0.50 3.54 25.70
C VAL A 261 -0.44 2.04 25.91
N GLN A 262 -0.21 1.30 24.85
CA GLN A 262 -0.07 -0.14 24.96
C GLN A 262 1.26 -0.53 24.35
N VAL A 263 2.04 -1.29 25.10
CA VAL A 263 3.34 -1.74 24.63
C VAL A 263 3.41 -3.25 24.76
N THR A 264 3.93 -3.90 23.72
CA THR A 264 4.07 -5.35 23.74
C THR A 264 5.48 -5.71 23.30
N ASN A 265 6.03 -6.75 23.92
CA ASN A 265 7.35 -7.25 23.60
C ASN A 265 8.46 -6.23 23.80
N VAL A 266 8.85 -6.04 25.05
CA VAL A 266 9.91 -5.11 25.42
C VAL A 266 11.08 -5.95 25.91
N SER A 267 12.27 -5.66 25.42
CA SER A 267 13.43 -6.42 25.85
C SER A 267 14.63 -5.52 26.04
N SER A 268 15.44 -5.86 27.02
CA SER A 268 16.63 -5.08 27.31
C SER A 268 17.79 -5.99 27.56
N VAL A 269 18.99 -5.52 27.23
CA VAL A 269 20.21 -6.26 27.48
C VAL A 269 21.18 -5.27 28.09
N SER A 270 21.55 -5.52 29.33
CA SER A 270 22.47 -4.65 30.04
C SER A 270 21.95 -3.21 30.13
N CYS A 271 20.66 -3.02 30.45
CA CYS A 271 20.11 -1.66 30.63
C CYS A 271 19.75 -1.52 32.10
N GLY A 272 19.48 -0.28 32.51
CA GLY A 272 19.11 -0.03 33.89
C GLY A 272 17.93 -0.92 34.22
N SER A 273 16.93 -0.88 33.35
CA SER A 273 15.74 -1.70 33.48
C SER A 273 15.14 -1.76 32.08
N ALA A 274 14.15 -2.62 31.88
CA ALA A 274 13.51 -2.72 30.58
C ALA A 274 12.45 -1.63 30.45
N VAL A 275 11.68 -1.47 31.52
CA VAL A 275 10.62 -0.47 31.54
C VAL A 275 10.84 0.44 32.75
N ARG A 276 10.61 1.72 32.55
CA ARG A 276 10.78 2.69 33.63
C ARG A 276 9.65 3.69 33.59
N SER A 277 9.07 3.95 34.76
CA SER A 277 7.98 4.91 34.87
C SER A 277 8.32 5.90 35.98
N ASP A 278 8.31 7.19 35.63
CA ASP A 278 8.61 8.25 36.57
C ASP A 278 7.33 8.94 37.01
N SER A 279 7.33 9.46 38.23
CA SER A 279 6.17 10.17 38.72
C SER A 279 6.01 11.48 37.97
N GLY A 280 4.76 11.91 37.81
CA GLY A 280 4.53 13.18 37.16
C GLY A 280 4.86 14.17 38.26
N PHE A 281 5.23 15.40 37.90
CA PHE A 281 5.56 16.39 38.91
C PHE A 281 5.27 17.78 38.43
N VAL A 282 5.22 18.73 39.36
CA VAL A 282 4.94 20.11 39.03
C VAL A 282 6.15 20.97 39.33
N GLU A 283 6.34 22.02 38.53
CA GLU A 283 7.47 22.92 38.70
C GLU A 283 7.03 24.38 38.68
N LEU A 284 7.47 25.14 39.68
CA LEU A 284 7.14 26.55 39.78
C LEU A 284 8.33 27.40 39.35
N PHE A 285 8.07 28.44 38.56
CA PHE A 285 9.12 29.32 38.07
C PHE A 285 9.03 30.70 38.73
N SER A 286 10.18 31.34 38.91
CA SER A 286 10.25 32.65 39.53
C SER A 286 9.92 33.79 38.56
N GLY A 308 7.09 22.01 53.64
CA GLY A 308 7.88 21.02 52.92
C GLY A 308 7.26 20.82 51.56
N CYS A 309 6.79 21.91 50.96
CA CYS A 309 6.16 21.87 49.64
C CYS A 309 7.10 22.13 48.47
N ALA A 310 8.26 22.71 48.75
CA ALA A 310 9.21 23.01 47.69
C ALA A 310 10.54 22.28 47.86
N GLN A 311 11.02 21.68 46.78
CA GLN A 311 12.30 20.97 46.79
C GLN A 311 13.43 21.96 46.53
N THR A 312 14.66 21.49 46.69
CA THR A 312 15.83 22.33 46.47
C THR A 312 15.85 22.77 45.00
N PRO A 313 15.58 24.06 44.75
CA PRO A 313 15.55 24.65 43.40
C PRO A 313 16.88 24.56 42.66
N ALA A 324 13.81 27.52 39.08
CA ALA A 324 12.93 26.36 38.98
C ALA A 324 12.85 25.63 40.33
N ALA A 325 11.64 25.38 40.79
CA ALA A 325 11.45 24.70 42.06
C ALA A 325 10.38 23.60 41.95
N ARG A 326 10.83 22.35 42.05
CA ARG A 326 9.92 21.21 41.98
C ARG A 326 9.10 21.09 43.25
N VAL A 327 7.80 20.85 43.10
CA VAL A 327 6.90 20.70 44.23
C VAL A 327 7.00 19.30 44.84
N THR A 328 7.16 19.27 46.16
CA THR A 328 7.28 18.00 46.89
C THR A 328 6.11 17.07 46.64
N GLN A 329 6.40 15.77 46.52
CA GLN A 329 5.37 14.77 46.27
C GLN A 329 4.56 14.46 47.53
N LYS A 330 3.62 15.35 47.83
CA LYS A 330 2.74 15.21 48.98
C LYS A 330 1.39 15.78 48.56
N ASP A 331 0.32 15.00 48.77
CA ASP A 331 -1.02 15.41 48.38
C ASP A 331 -1.58 16.64 49.08
N ALA A 332 -0.90 17.10 50.13
CA ALA A 332 -1.34 18.30 50.83
C ALA A 332 -0.74 19.47 50.07
N CYS A 333 0.50 19.29 49.62
CA CYS A 333 1.21 20.31 48.87
C CYS A 333 0.71 20.40 47.44
N LEU A 334 0.35 19.25 46.86
CA LEU A 334 -0.15 19.23 45.49
C LEU A 334 -1.55 19.80 45.42
N ASP A 335 -2.37 19.54 46.44
CA ASP A 335 -3.73 20.07 46.45
C ASP A 335 -3.62 21.59 46.43
N LYS A 336 -2.57 22.11 47.07
CA LYS A 336 -2.33 23.55 47.10
C LYS A 336 -1.85 24.02 45.74
N ALA A 337 -1.07 23.19 45.08
CA ALA A 337 -0.53 23.50 43.77
C ALA A 337 -1.63 23.71 42.74
N LYS A 338 -2.57 22.76 42.69
CA LYS A 338 -3.68 22.83 41.75
C LYS A 338 -4.60 24.02 42.04
N LEU A 339 -4.64 24.42 43.30
CA LEU A 339 -5.48 25.54 43.72
C LEU A 339 -4.86 26.90 43.37
N GLU A 340 -3.58 27.03 43.66
CA GLU A 340 -2.87 28.29 43.42
C GLU A 340 -2.44 28.52 41.96
N TYR A 341 -1.85 27.51 41.34
CA TYR A 341 -1.40 27.63 39.96
C TYR A 341 -2.28 26.90 38.96
N GLY A 342 -3.16 26.03 39.44
CA GLY A 342 -4.03 25.30 38.55
C GLY A 342 -3.28 24.14 37.87
N ILE A 343 -1.97 24.09 38.08
CA ILE A 343 -1.16 22.98 37.52
C ILE A 343 -1.23 21.76 38.44
N GLU A 344 -0.88 20.62 37.87
CA GLU A 344 -0.87 19.35 38.59
C GLU A 344 0.06 18.35 37.94
N PRO A 345 0.55 17.36 38.70
CA PRO A 345 1.46 16.36 38.12
C PRO A 345 0.88 15.66 36.89
N GLY A 346 1.74 15.48 35.90
CA GLY A 346 1.31 14.81 34.68
C GLY A 346 0.96 13.37 34.94
N SER A 347 0.38 12.71 33.95
CA SER A 347 -0.02 11.32 34.09
C SER A 347 -0.25 10.68 32.74
N PHE A 348 -0.61 9.41 32.78
CA PHE A 348 -0.95 8.65 31.59
C PHE A 348 -2.28 7.98 31.90
N GLY A 349 -3.01 7.63 30.86
CA GLY A 349 -4.29 6.98 31.05
C GLY A 349 -4.10 5.50 31.31
N THR A 350 -4.75 4.67 30.52
CA THR A 350 -4.62 3.24 30.67
C THR A 350 -3.34 2.81 29.98
N VAL A 351 -2.38 2.33 30.77
CA VAL A 351 -1.10 1.90 30.23
C VAL A 351 -0.85 0.44 30.58
N LYS A 352 -0.60 -0.37 29.55
CA LYS A 352 -0.33 -1.78 29.75
C LYS A 352 0.88 -2.16 28.91
N VAL A 353 1.80 -2.87 29.54
CA VAL A 353 3.02 -3.34 28.89
C VAL A 353 3.06 -4.85 29.02
N PHE A 354 2.97 -5.55 27.90
CA PHE A 354 2.98 -7.01 27.90
C PHE A 354 4.31 -7.60 27.43
N ASP A 355 4.70 -8.70 28.06
CA ASP A 355 5.93 -9.42 27.73
C ASP A 355 7.19 -8.57 27.83
N VAL A 356 7.74 -8.50 29.04
CA VAL A 356 8.94 -7.73 29.31
C VAL A 356 10.07 -8.68 29.68
N THR A 357 11.21 -8.53 29.03
CA THR A 357 12.35 -9.39 29.32
C THR A 357 13.59 -8.53 29.51
N ALA A 358 14.23 -8.66 30.67
CA ALA A 358 15.43 -7.90 30.96
C ALA A 358 16.58 -8.88 31.17
N ARG A 359 17.61 -8.76 30.33
CA ARG A 359 18.78 -9.61 30.45
C ARG A 359 19.85 -8.80 31.15
N PHE A 360 20.41 -9.38 32.21
CA PHE A 360 21.44 -8.72 33.00
C PHE A 360 22.72 -8.43 32.21
N GLY A 361 23.34 -7.30 32.54
CA GLY A 361 24.58 -6.90 31.91
C GLY A 361 25.35 -6.00 32.84
N TYR A 362 26.62 -5.74 32.53
CA TYR A 362 27.46 -4.88 33.37
C TYR A 362 27.69 -3.49 32.79
N ASN A 363 27.07 -3.20 31.65
CA ASN A 363 27.26 -1.90 31.02
C ASN A 363 26.01 -1.08 30.81
N ALA A 364 25.14 -1.06 31.82
CA ALA A 364 23.92 -0.29 31.74
C ALA A 364 24.17 1.18 32.08
N ASP A 365 23.32 2.07 31.58
CA ASP A 365 23.42 3.49 31.90
C ASP A 365 22.66 3.58 33.21
N LEU A 366 23.27 4.22 34.21
CA LEU A 366 22.65 4.35 35.51
C LEU A 366 22.64 5.79 35.99
N LYS A 367 21.58 6.16 36.69
CA LYS A 367 21.48 7.51 37.24
C LYS A 367 21.98 7.43 38.67
N GLN A 368 22.54 8.54 39.15
CA GLN A 368 23.05 8.55 40.52
C GLN A 368 22.01 8.15 41.56
N ASP A 369 20.77 8.61 41.39
CA ASP A 369 19.71 8.30 42.35
C ASP A 369 19.21 6.87 42.27
N GLN A 370 19.91 6.04 41.50
CA GLN A 370 19.54 4.63 41.36
C GLN A 370 20.62 3.74 41.96
N LEU A 371 21.82 4.32 42.14
CA LEU A 371 22.95 3.56 42.67
C LEU A 371 22.73 2.90 44.02
N ASP A 372 21.90 3.49 44.86
CA ASP A 372 21.64 2.93 46.18
C ASP A 372 20.88 1.61 46.10
N TYR A 373 20.29 1.32 44.94
CA TYR A 373 19.56 0.07 44.81
C TYR A 373 20.49 -1.13 44.67
N PHE A 374 21.80 -0.87 44.65
CA PHE A 374 22.76 -1.96 44.56
C PHE A 374 23.00 -2.56 45.95
N SER A 375 22.45 -1.91 46.97
CA SER A 375 22.62 -2.36 48.35
C SER A 375 22.29 -3.83 48.61
N THR A 376 21.35 -4.38 47.85
CA THR A 376 20.95 -5.77 48.05
C THR A 376 21.79 -6.84 47.35
N SER A 377 22.17 -6.58 46.11
CA SER A 377 22.93 -7.56 45.34
C SER A 377 24.40 -7.22 45.15
N ASN A 378 24.74 -5.95 45.27
CA ASN A 378 26.10 -5.50 45.02
C ASN A 378 26.53 -4.48 46.07
N PRO A 379 26.61 -4.90 47.35
CA PRO A 379 27.00 -4.06 48.48
C PRO A 379 28.36 -3.36 48.39
N MET A 380 29.24 -3.87 47.53
CA MET A 380 30.54 -3.24 47.38
C MET A 380 30.59 -2.38 46.11
N CYS A 381 29.43 -2.24 45.47
CA CYS A 381 29.32 -1.44 44.25
C CYS A 381 30.35 -1.82 43.20
N LYS A 382 30.54 -3.13 42.99
CA LYS A 382 31.49 -3.61 42.01
C LYS A 382 31.02 -3.41 40.58
N ARG A 383 31.97 -3.16 39.69
CA ARG A 383 31.69 -2.98 38.26
C ARG A 383 30.97 -1.67 37.91
N VAL A 384 30.81 -0.77 38.86
CA VAL A 384 30.18 0.52 38.59
C VAL A 384 31.32 1.54 38.37
N CYS A 385 31.32 2.23 37.21
CA CYS A 385 32.35 3.22 36.82
C CYS A 385 31.72 4.65 36.72
N LEU A 386 32.51 5.69 36.99
CA LEU A 386 32.06 7.07 36.89
C LEU A 386 32.82 7.65 35.69
N PRO A 387 32.10 8.06 34.64
CA PRO A 387 32.76 8.61 33.46
C PRO A 387 33.64 9.81 33.81
N THR A 388 34.78 9.93 33.16
CA THR A 388 35.70 11.03 33.41
C THR A 388 35.10 12.36 32.94
N LYS A 389 35.69 13.46 33.39
CA LYS A 389 35.23 14.79 33.02
C LYS A 389 35.35 14.96 31.51
N GLU A 390 36.36 14.34 30.94
CA GLU A 390 36.59 14.40 29.50
C GLU A 390 35.44 13.69 28.78
N GLN A 391 34.99 12.57 29.35
CA GLN A 391 33.90 11.81 28.76
C GLN A 391 32.58 12.52 28.94
N TRP A 392 32.35 13.05 30.14
CA TRP A 392 31.13 13.80 30.44
C TRP A 392 31.43 14.80 31.54
N SER A 393 31.47 16.08 31.16
CA SER A 393 31.78 17.17 32.08
C SER A 393 31.00 17.21 33.38
N LYS A 394 29.69 16.98 33.30
CA LYS A 394 28.85 17.01 34.50
C LYS A 394 28.87 15.67 35.21
N GLN A 395 29.96 15.40 35.95
CA GLN A 395 30.08 14.15 36.68
C GLN A 395 28.96 13.97 37.68
N GLY A 396 28.36 12.78 37.66
CA GLY A 396 27.27 12.49 38.57
C GLY A 396 25.95 12.32 37.82
N GLN A 397 25.90 12.80 36.58
CA GLN A 397 24.69 12.68 35.78
C GLN A 397 24.54 11.30 35.18
N ILE A 398 25.66 10.60 35.03
CA ILE A 398 25.62 9.27 34.44
C ILE A 398 26.70 8.34 34.99
N TYR A 399 26.33 7.09 35.19
CA TYR A 399 27.24 6.06 35.67
C TYR A 399 27.04 4.86 34.77
N ILE A 400 28.05 3.99 34.70
CA ILE A 400 27.93 2.78 33.91
C ILE A 400 28.14 1.64 34.88
N GLY A 401 27.24 0.67 34.85
CA GLY A 401 27.35 -0.45 35.77
C GLY A 401 26.32 -1.52 35.49
N PRO A 402 26.16 -2.48 36.41
CA PRO A 402 25.21 -3.58 36.27
C PRO A 402 23.75 -3.14 36.18
N SER A 403 22.97 -3.97 35.50
CA SER A 403 21.53 -3.73 35.35
C SER A 403 20.96 -3.76 36.76
N LEU A 404 19.91 -2.98 37.01
CA LEU A 404 19.32 -2.92 38.33
C LEU A 404 18.02 -3.67 38.53
N ALA A 405 17.20 -3.76 37.49
CA ALA A 405 15.92 -4.45 37.61
C ALA A 405 15.30 -4.68 36.26
N ALA A 406 14.14 -5.33 36.26
CA ALA A 406 13.41 -5.57 35.03
C ALA A 406 12.51 -4.35 34.83
N VAL A 407 11.93 -3.89 35.93
CA VAL A 407 11.02 -2.75 35.91
C VAL A 407 11.29 -1.77 37.04
N ILE A 408 11.24 -0.48 36.71
CA ILE A 408 11.41 0.56 37.70
C ILE A 408 10.15 1.39 37.61
N ASP A 409 9.46 1.55 38.74
CA ASP A 409 8.23 2.33 38.78
C ASP A 409 8.29 3.22 40.01
N THR A 410 8.58 4.50 39.79
CA THR A 410 8.66 5.44 40.90
C THR A 410 7.43 6.34 41.01
N THR A 411 6.30 5.87 40.51
CA THR A 411 5.07 6.64 40.60
C THR A 411 4.55 6.44 42.03
N PRO A 412 4.00 7.50 42.63
CA PRO A 412 3.47 7.43 44.00
C PRO A 412 2.20 6.60 44.16
N GLU A 413 2.38 5.32 44.51
CA GLU A 413 1.26 4.41 44.69
C GLU A 413 0.19 4.97 45.62
N THR A 414 0.62 5.62 46.70
CA THR A 414 -0.31 6.19 47.66
C THR A 414 -0.50 7.68 47.39
N SER A 415 -1.23 8.00 46.33
CA SER A 415 -1.48 9.40 45.99
C SER A 415 -2.68 9.59 45.07
N LYS A 416 -3.33 10.73 45.22
CA LYS A 416 -4.47 11.07 44.39
C LYS A 416 -3.92 11.41 43.01
N TYR A 417 -2.66 11.83 42.99
CA TYR A 417 -1.98 12.17 41.76
C TYR A 417 -1.02 11.03 41.44
N ASP A 418 -1.51 10.04 40.72
CA ASP A 418 -0.70 8.89 40.35
C ASP A 418 -1.30 8.21 39.14
N TYR A 419 -0.46 7.52 38.38
CA TYR A 419 -0.94 6.79 37.22
C TYR A 419 -0.28 5.43 37.32
N ASP A 420 -0.85 4.45 36.63
CA ASP A 420 -0.30 3.11 36.69
C ASP A 420 0.14 2.54 35.36
N VAL A 421 1.32 1.95 35.36
CA VAL A 421 1.85 1.31 34.17
C VAL A 421 1.79 -0.17 34.55
N LYS A 422 0.76 -0.85 34.10
CA LYS A 422 0.59 -2.26 34.41
C LYS A 422 1.48 -3.11 33.52
N THR A 423 2.27 -3.99 34.14
CA THR A 423 3.16 -4.86 33.40
C THR A 423 2.69 -6.30 33.51
N PHE A 424 2.84 -7.05 32.43
CA PHE A 424 2.42 -8.45 32.39
C PHE A 424 3.56 -9.31 31.85
N ASN A 425 3.68 -10.52 32.41
CA ASN A 425 4.70 -11.46 31.99
C ASN A 425 6.10 -10.85 31.95
N VAL A 426 6.56 -10.42 33.12
CA VAL A 426 7.89 -9.82 33.26
C VAL A 426 8.88 -10.92 33.61
N LYS A 427 10.01 -10.95 32.90
CA LYS A 427 11.03 -11.96 33.14
C LYS A 427 12.43 -11.37 33.17
N ARG A 428 13.30 -11.98 33.97
CA ARG A 428 14.68 -11.54 34.08
C ARG A 428 15.57 -12.71 33.69
N ILE A 429 16.72 -12.38 33.11
CA ILE A 429 17.67 -13.40 32.69
C ILE A 429 19.07 -13.06 33.21
N ASN A 430 19.70 -14.03 33.85
CA ASN A 430 21.05 -13.91 34.39
C ASN A 430 21.30 -12.83 35.43
N PHE A 431 20.28 -12.46 36.19
CA PHE A 431 20.46 -11.48 37.24
C PHE A 431 21.08 -12.18 38.44
N PRO A 432 21.97 -11.48 39.17
CA PRO A 432 22.61 -12.09 40.33
C PRO A 432 21.61 -12.32 41.46
N VAL A 433 21.97 -13.17 42.40
CA VAL A 433 21.09 -13.44 43.52
C VAL A 433 20.84 -12.15 44.29
N ASN A 434 19.65 -12.02 44.84
CA ASN A 434 19.26 -10.85 45.61
C ASN A 434 19.23 -9.54 44.85
N SER A 435 18.97 -9.63 43.55
CA SER A 435 18.84 -8.43 42.74
C SER A 435 17.35 -8.11 42.74
N HIS A 436 16.97 -6.94 42.23
CA HIS A 436 15.58 -6.52 42.19
C HIS A 436 14.89 -6.94 40.91
N LYS A 437 13.60 -7.22 40.99
CA LYS A 437 12.82 -7.54 39.80
C LYS A 437 12.12 -6.23 39.46
N THR A 438 11.38 -5.72 40.42
CA THR A 438 10.68 -4.45 40.25
C THR A 438 11.09 -3.52 41.39
N ILE A 439 11.56 -2.35 41.02
CA ILE A 439 11.96 -1.34 42.00
C ILE A 439 10.83 -0.34 42.02
N ASP A 440 10.25 -0.12 43.20
CA ASP A 440 9.16 0.85 43.33
C ASP A 440 9.43 1.77 44.51
N THR A 441 8.41 2.51 44.93
CA THR A 441 8.57 3.44 46.04
C THR A 441 8.79 2.75 47.38
N ASN A 442 8.46 1.47 47.48
CA ASN A 442 8.64 0.72 48.72
C ASN A 442 10.00 0.04 48.83
N THR A 443 10.73 -0.02 47.72
CA THR A 443 12.03 -0.66 47.71
C THR A 443 13.05 0.01 48.62
N GLU A 444 13.61 -0.75 49.55
CA GLU A 444 14.60 -0.22 50.46
C GLU A 444 15.94 -0.11 49.76
N SER A 445 16.71 0.90 50.13
CA SER A 445 18.02 1.12 49.53
C SER A 445 18.94 1.78 50.55
N SER A 446 20.24 1.78 50.25
CA SER A 446 21.24 2.40 51.12
C SER A 446 22.45 2.70 50.26
N ARG A 447 23.18 3.76 50.62
CA ARG A 447 24.36 4.14 49.85
C ARG A 447 25.50 3.16 50.03
N VAL A 448 25.91 2.53 48.92
CA VAL A 448 27.00 1.56 48.94
C VAL A 448 28.05 1.98 47.91
N CYS A 449 27.71 2.97 47.09
CA CYS A 449 28.64 3.44 46.06
C CYS A 449 29.28 4.76 46.42
N ASN A 450 30.51 4.94 45.95
CA ASN A 450 31.27 6.16 46.18
C ASN A 450 30.93 7.02 44.97
N TYR A 451 29.91 7.86 45.11
CA TYR A 451 29.44 8.71 44.02
C TYR A 451 30.48 9.42 43.17
N TYR A 452 31.47 10.03 43.81
CA TYR A 452 32.48 10.76 43.05
C TYR A 452 33.88 10.22 43.12
N GLY A 453 34.10 9.21 43.97
CA GLY A 453 35.43 8.65 44.11
C GLY A 453 35.59 7.25 43.53
N MET A 454 34.50 6.66 43.06
CA MET A 454 34.57 5.33 42.48
C MET A 454 35.46 5.29 41.25
N SER A 455 35.77 4.08 40.80
CA SER A 455 36.61 3.87 39.63
C SER A 455 36.13 4.69 38.43
N GLU A 456 37.08 5.21 37.67
CA GLU A 456 36.75 5.98 36.48
C GLU A 456 36.53 5.03 35.33
N CYS A 457 35.55 5.35 34.48
CA CYS A 457 35.24 4.52 33.31
C CYS A 457 36.38 4.56 32.33
N SER A 458 36.71 3.41 31.75
CA SER A 458 37.79 3.35 30.76
C SER A 458 37.21 3.96 29.47
N SER A 459 38.08 4.46 28.60
CA SER A 459 37.62 5.05 27.34
C SER A 459 36.83 4.02 26.53
N SER A 460 37.35 2.80 26.49
CA SER A 460 36.72 1.72 25.75
C SER A 460 35.29 1.45 26.22
N ARG A 461 35.08 1.52 27.53
CA ARG A 461 33.77 1.27 28.10
C ARG A 461 32.79 2.40 27.81
N TRP A 462 33.28 3.63 27.89
CA TRP A 462 32.43 4.80 27.64
C TRP A 462 32.14 4.93 26.15
N GLU A 463 33.16 4.72 25.33
CA GLU A 463 33.01 4.83 23.88
C GLU A 463 32.34 3.63 23.26
N ARG A 464 32.23 2.54 24.01
CA ARG A 464 31.61 1.31 23.53
C ARG A 464 32.42 0.70 22.40
N VAL B 1 -32.97 -4.02 -4.41
CA VAL B 1 -31.69 -4.39 -3.74
C VAL B 1 -30.73 -3.21 -3.67
N SER B 2 -29.73 -3.33 -2.80
CA SER B 2 -28.70 -2.33 -2.63
C SER B 2 -27.43 -3.12 -2.96
N PRO B 3 -26.54 -2.56 -3.78
CA PRO B 3 -25.33 -3.32 -4.12
C PRO B 3 -24.42 -3.64 -2.94
N LYS B 4 -23.78 -4.80 -3.00
CA LYS B 4 -22.87 -5.23 -1.96
C LYS B 4 -21.69 -4.28 -1.97
N THR B 5 -21.13 -4.02 -0.78
CA THR B 5 -20.01 -3.12 -0.65
C THR B 5 -18.70 -3.90 -0.57
N TYR B 6 -17.60 -3.21 -0.80
CA TYR B 6 -16.27 -3.84 -0.74
C TYR B 6 -15.20 -2.76 -0.67
N LYS B 7 -13.99 -3.19 -0.35
CA LYS B 7 -12.85 -2.28 -0.30
C LYS B 7 -11.78 -2.90 -1.18
N ASP B 8 -10.89 -2.07 -1.71
CA ASP B 8 -9.85 -2.55 -2.58
C ASP B 8 -9.01 -3.66 -1.96
N ALA B 9 -8.79 -3.58 -0.65
CA ALA B 9 -7.98 -4.57 0.05
C ALA B 9 -8.63 -5.95 0.09
N ASP B 10 -9.89 -6.03 -0.30
CA ASP B 10 -10.58 -7.32 -0.32
C ASP B 10 -10.10 -8.09 -1.55
N PHE B 11 -9.46 -7.37 -2.48
CA PHE B 11 -8.98 -7.97 -3.72
C PHE B 11 -7.48 -7.96 -3.87
N TYR B 12 -6.88 -6.83 -3.57
CA TYR B 12 -5.43 -6.67 -3.71
C TYR B 12 -4.79 -6.04 -2.49
N VAL B 13 -3.68 -6.62 -2.07
CA VAL B 13 -2.93 -6.13 -0.93
C VAL B 13 -1.53 -5.79 -1.41
N ALA B 14 -1.20 -4.50 -1.39
CA ALA B 14 0.10 -4.03 -1.84
C ALA B 14 1.20 -4.39 -0.85
N PRO B 15 2.45 -4.46 -1.35
CA PRO B 15 3.55 -4.78 -0.44
C PRO B 15 3.84 -3.58 0.44
N THR B 16 4.26 -3.84 1.68
CA THR B 16 4.58 -2.76 2.63
C THR B 16 6.08 -2.58 2.77
N GLN B 17 6.85 -3.48 2.18
CA GLN B 17 8.31 -3.39 2.21
C GLN B 17 8.85 -4.11 0.98
N GLN B 18 9.91 -3.56 0.41
CA GLN B 18 10.51 -4.15 -0.77
C GLN B 18 12.01 -4.15 -0.64
N ASP B 19 12.69 -4.97 -1.44
CA ASP B 19 14.13 -5.03 -1.37
C ASP B 19 14.85 -4.11 -2.36
N VAL B 20 14.28 -3.96 -3.55
CA VAL B 20 14.92 -3.12 -4.56
C VAL B 20 13.98 -2.26 -5.40
N ASN B 21 14.57 -1.27 -6.05
CA ASN B 21 13.87 -0.36 -6.95
C ASN B 21 14.83 -0.22 -8.14
N TYR B 22 14.46 -0.79 -9.28
CA TYR B 22 15.31 -0.72 -10.46
C TYR B 22 14.66 0.06 -11.58
N ASP B 23 15.49 0.52 -12.51
CA ASP B 23 15.05 1.27 -13.67
C ASP B 23 15.37 0.39 -14.87
N LEU B 24 14.38 0.12 -15.71
CA LEU B 24 14.59 -0.75 -16.87
C LEU B 24 15.73 -0.33 -17.77
N VAL B 25 15.84 0.98 -18.02
CA VAL B 25 16.89 1.48 -18.88
C VAL B 25 18.25 1.57 -18.21
N ASP B 26 18.32 2.29 -17.09
CA ASP B 26 19.60 2.47 -16.42
C ASP B 26 20.20 1.23 -15.76
N ASP B 27 19.35 0.31 -15.30
CA ASP B 27 19.85 -0.90 -14.64
C ASP B 27 19.88 -2.13 -15.52
N PHE B 28 19.05 -2.19 -16.55
CA PHE B 28 19.01 -3.37 -17.39
C PHE B 28 19.24 -3.17 -18.88
N GLY B 29 19.61 -1.95 -19.26
CA GLY B 29 19.93 -1.65 -20.64
C GLY B 29 18.88 -1.63 -21.73
N ALA B 30 17.60 -1.50 -21.37
CA ALA B 30 16.59 -1.42 -22.41
C ALA B 30 16.82 -0.10 -23.12
N ASN B 31 16.35 0.01 -24.36
CA ASN B 31 16.52 1.24 -25.12
C ASN B 31 15.16 1.70 -25.63
N GLY B 32 14.67 2.82 -25.10
CA GLY B 32 13.38 3.32 -25.51
C GLY B 32 13.48 4.37 -26.62
N ASN B 33 14.62 4.39 -27.30
CA ASN B 33 14.85 5.36 -28.38
C ASN B 33 14.97 4.72 -29.76
N ASP B 34 14.78 3.40 -29.83
CA ASP B 34 14.86 2.70 -31.09
C ASP B 34 13.61 1.86 -31.33
N THR B 35 13.66 0.99 -32.33
CA THR B 35 12.53 0.12 -32.65
C THR B 35 12.91 -1.33 -32.43
N SER B 36 13.97 -1.56 -31.65
CA SER B 36 14.44 -2.91 -31.37
C SER B 36 13.85 -3.49 -30.09
N ASP B 37 13.79 -4.82 -30.05
CA ASP B 37 13.23 -5.57 -28.93
C ASP B 37 13.88 -5.26 -27.58
N ASP B 38 13.03 -5.09 -26.56
CA ASP B 38 13.48 -4.80 -25.22
C ASP B 38 13.06 -5.90 -24.25
N SER B 39 12.56 -6.99 -24.81
CA SER B 39 12.08 -8.11 -24.00
C SER B 39 13.12 -8.74 -23.10
N ASN B 40 14.33 -8.92 -23.61
CA ASN B 40 15.36 -9.55 -22.79
C ASN B 40 15.68 -8.69 -21.58
N ALA B 41 15.78 -7.38 -21.79
CA ALA B 41 16.07 -6.46 -20.70
C ALA B 41 14.97 -6.54 -19.66
N LEU B 42 13.72 -6.51 -20.11
CA LEU B 42 12.60 -6.57 -19.18
C LEU B 42 12.54 -7.91 -18.45
N GLN B 43 12.77 -9.01 -19.16
CA GLN B 43 12.73 -10.31 -18.50
C GLN B 43 13.83 -10.41 -17.45
N ARG B 44 15.02 -9.90 -17.77
CA ARG B 44 16.12 -9.94 -16.82
C ARG B 44 15.82 -9.08 -15.60
N ALA B 45 15.15 -7.95 -15.82
CA ALA B 45 14.81 -7.06 -14.71
C ALA B 45 13.77 -7.73 -13.83
N ILE B 46 12.74 -8.29 -14.45
CA ILE B 46 11.70 -8.99 -13.71
C ILE B 46 12.29 -10.13 -12.89
N ASN B 47 13.13 -10.94 -13.52
CA ASN B 47 13.72 -12.06 -12.81
C ASN B 47 14.63 -11.64 -11.68
N ALA B 48 15.41 -10.57 -11.90
CA ALA B 48 16.31 -10.09 -10.86
C ALA B 48 15.52 -9.65 -9.64
N ILE B 49 14.39 -8.99 -9.87
CA ILE B 49 13.56 -8.51 -8.79
C ILE B 49 12.88 -9.66 -8.04
N SER B 50 12.34 -10.61 -8.79
CA SER B 50 11.65 -11.74 -8.18
C SER B 50 12.56 -12.62 -7.33
N ARG B 51 13.86 -12.59 -7.62
CA ARG B 51 14.82 -13.38 -6.87
C ARG B 51 15.04 -12.83 -5.46
N LYS B 52 14.69 -11.56 -5.26
CA LYS B 52 14.83 -10.95 -3.94
C LYS B 52 13.66 -11.41 -3.08
N PRO B 53 13.95 -11.81 -1.83
CA PRO B 53 12.90 -12.28 -0.92
C PRO B 53 11.67 -11.38 -0.84
N ASN B 54 11.87 -10.07 -0.79
CA ASN B 54 10.75 -9.15 -0.69
C ASN B 54 10.46 -8.43 -2.01
N GLY B 55 11.03 -8.94 -3.10
CA GLY B 55 10.79 -8.35 -4.39
C GLY B 55 11.11 -6.88 -4.50
N GLY B 56 10.39 -6.18 -5.37
CA GLY B 56 10.66 -4.77 -5.54
C GLY B 56 9.90 -4.15 -6.70
N THR B 57 10.28 -2.92 -7.02
CA THR B 57 9.63 -2.17 -8.08
C THR B 57 10.55 -1.98 -9.26
N LEU B 58 9.95 -2.00 -10.44
CA LEU B 58 10.68 -1.77 -11.67
C LEU B 58 10.03 -0.59 -12.34
N LEU B 59 10.82 0.43 -12.66
CA LEU B 59 10.28 1.59 -13.33
C LEU B 59 10.61 1.48 -14.81
N ILE B 60 9.60 1.67 -15.64
CA ILE B 60 9.80 1.67 -17.08
C ILE B 60 9.70 3.16 -17.38
N PRO B 61 10.84 3.82 -17.62
CA PRO B 61 10.88 5.25 -17.91
C PRO B 61 10.40 5.65 -19.29
N ASN B 62 10.04 6.92 -19.43
CA ASN B 62 9.54 7.41 -20.70
C ASN B 62 10.40 6.96 -21.87
N GLY B 63 9.71 6.53 -22.93
CA GLY B 63 10.37 6.06 -24.13
C GLY B 63 9.44 5.09 -24.80
N THR B 64 9.87 4.53 -25.92
CA THR B 64 9.07 3.56 -26.66
C THR B 64 9.76 2.22 -26.57
N TYR B 65 9.04 1.22 -26.09
CA TYR B 65 9.61 -0.11 -25.92
C TYR B 65 8.85 -1.16 -26.72
N HIS B 66 9.58 -2.21 -27.09
CA HIS B 66 8.99 -3.32 -27.81
C HIS B 66 9.14 -4.55 -26.94
N PHE B 67 8.01 -5.14 -26.55
CA PHE B 67 8.02 -6.33 -25.73
C PHE B 67 7.13 -7.41 -26.34
N LEU B 68 7.42 -8.67 -25.99
CA LEU B 68 6.59 -9.78 -26.42
C LEU B 68 6.97 -11.01 -25.63
N GLY B 69 5.95 -11.74 -25.20
CA GLY B 69 6.15 -12.98 -24.46
C GLY B 69 6.84 -12.87 -23.12
N ILE B 70 6.67 -11.73 -22.44
CA ILE B 70 7.28 -11.52 -21.14
C ILE B 70 6.61 -12.39 -20.08
N GLN B 71 7.42 -13.06 -19.25
CA GLN B 71 6.90 -13.90 -18.19
C GLN B 71 7.00 -13.15 -16.87
N MET B 72 5.85 -12.74 -16.33
CA MET B 72 5.87 -12.01 -15.07
C MET B 72 6.21 -12.97 -13.93
N LYS B 73 6.70 -12.42 -12.83
CA LYS B 73 7.09 -13.21 -11.69
C LYS B 73 6.59 -12.61 -10.38
N SER B 74 6.57 -13.44 -9.34
CA SER B 74 6.10 -13.02 -8.03
C SER B 74 6.88 -11.86 -7.43
N ASN B 75 6.16 -11.04 -6.69
CA ASN B 75 6.70 -9.89 -5.98
C ASN B 75 7.38 -8.86 -6.86
N VAL B 76 6.91 -8.75 -8.09
CA VAL B 76 7.41 -7.76 -9.02
C VAL B 76 6.32 -6.72 -9.22
N HIS B 77 6.70 -5.46 -9.03
CA HIS B 77 5.74 -4.37 -9.17
C HIS B 77 6.28 -3.38 -10.17
N ILE B 78 5.64 -3.38 -11.33
CA ILE B 78 6.05 -2.51 -12.43
C ILE B 78 5.27 -1.21 -12.45
N ARG B 79 6.01 -0.12 -12.58
CA ARG B 79 5.41 1.20 -12.65
C ARG B 79 5.89 1.78 -13.97
N VAL B 80 4.96 2.35 -14.72
CA VAL B 80 5.28 2.87 -16.05
C VAL B 80 5.07 4.39 -16.14
N GLU B 81 6.09 5.12 -16.56
CA GLU B 81 5.94 6.56 -16.68
C GLU B 81 4.87 6.94 -17.69
N SER B 82 4.30 8.13 -17.51
CA SER B 82 3.18 8.61 -18.30
C SER B 82 3.31 8.84 -19.79
N ASP B 83 4.53 8.96 -20.30
CA ASP B 83 4.69 9.16 -21.75
C ASP B 83 5.23 7.91 -22.44
N VAL B 84 5.23 6.80 -21.72
CA VAL B 84 5.72 5.55 -22.28
C VAL B 84 4.77 5.01 -23.35
N ILE B 85 5.38 4.42 -24.37
CA ILE B 85 4.60 3.78 -25.43
C ILE B 85 5.16 2.37 -25.50
N ILE B 86 4.28 1.39 -25.38
CA ILE B 86 4.69 0.01 -25.45
C ILE B 86 4.08 -0.61 -26.69
N LYS B 87 4.92 -1.22 -27.50
CA LYS B 87 4.48 -1.86 -28.73
C LYS B 87 4.90 -3.32 -28.72
N PRO B 88 4.18 -4.17 -29.45
CA PRO B 88 4.55 -5.59 -29.49
C PRO B 88 5.71 -5.81 -30.42
N THR B 89 6.67 -6.61 -29.97
CA THR B 89 7.82 -6.94 -30.80
C THR B 89 7.29 -7.86 -31.90
N TRP B 90 7.77 -7.64 -33.13
CA TRP B 90 7.32 -8.47 -34.23
C TRP B 90 7.84 -9.90 -34.09
N ASN B 91 6.95 -10.85 -34.30
CA ASN B 91 7.27 -12.27 -34.24
C ASN B 91 6.41 -12.89 -35.34
N GLY B 92 7.06 -13.47 -36.34
CA GLY B 92 6.33 -14.05 -37.45
C GLY B 92 6.02 -15.53 -37.45
N ASP B 93 6.03 -16.17 -36.27
CA ASP B 93 5.73 -17.59 -36.23
C ASP B 93 4.24 -17.86 -36.40
N GLY B 94 3.47 -16.78 -36.54
CA GLY B 94 2.03 -16.90 -36.73
C GLY B 94 1.22 -17.42 -35.57
N LYS B 95 1.87 -17.61 -34.41
CA LYS B 95 1.18 -18.11 -33.24
C LYS B 95 0.48 -16.98 -32.50
N ASN B 96 -0.33 -17.34 -31.50
CA ASN B 96 -1.04 -16.33 -30.72
C ASN B 96 -0.04 -15.73 -29.75
N HIS B 97 0.10 -14.41 -29.80
CA HIS B 97 1.06 -13.73 -28.96
C HIS B 97 0.46 -12.85 -27.88
N ARG B 98 1.25 -12.62 -26.84
CA ARG B 98 0.85 -11.76 -25.72
C ARG B 98 2.06 -10.93 -25.35
N LEU B 99 1.84 -9.71 -24.94
CA LEU B 99 2.96 -8.88 -24.52
C LEU B 99 3.42 -9.43 -23.18
N PHE B 100 2.46 -9.69 -22.31
CA PHE B 100 2.76 -10.15 -20.96
C PHE B 100 1.94 -11.36 -20.55
N GLU B 101 2.63 -12.33 -19.96
CA GLU B 101 1.98 -13.54 -19.45
C GLU B 101 2.20 -13.56 -17.95
N VAL B 102 1.13 -13.75 -17.21
CA VAL B 102 1.21 -13.74 -15.76
C VAL B 102 0.64 -15.02 -15.17
N GLY B 103 1.52 -15.94 -14.82
CA GLY B 103 1.08 -17.20 -14.23
C GLY B 103 0.68 -18.24 -15.25
N VAL B 104 1.09 -18.05 -16.50
CA VAL B 104 0.74 -19.02 -17.53
C VAL B 104 1.67 -20.22 -17.48
N ASN B 105 2.97 -19.95 -17.30
CA ASN B 105 3.97 -21.01 -17.25
C ASN B 105 4.60 -21.22 -15.89
N ASN B 106 4.09 -20.49 -14.89
CA ASN B 106 4.61 -20.61 -13.54
C ASN B 106 3.57 -20.08 -12.59
N ILE B 107 3.92 -20.00 -11.32
CA ILE B 107 3.01 -19.51 -10.30
C ILE B 107 3.44 -18.10 -9.93
N VAL B 108 2.50 -17.17 -9.97
CA VAL B 108 2.80 -15.79 -9.63
C VAL B 108 1.93 -15.31 -8.47
N ARG B 109 2.57 -14.69 -7.49
CA ARG B 109 1.88 -14.15 -6.33
C ARG B 109 2.41 -12.75 -6.06
N ASN B 110 1.50 -11.82 -5.74
CA ASN B 110 1.86 -10.43 -5.42
C ASN B 110 2.54 -9.76 -6.60
N PHE B 111 1.71 -9.34 -7.55
CA PHE B 111 2.21 -8.72 -8.76
C PHE B 111 1.40 -7.50 -9.13
N SER B 112 2.06 -6.46 -9.64
CA SER B 112 1.31 -5.30 -10.09
C SER B 112 2.00 -4.69 -11.30
N PHE B 113 1.20 -4.06 -12.15
CA PHE B 113 1.67 -3.41 -13.37
C PHE B 113 0.75 -2.22 -13.43
N GLN B 114 1.28 -1.04 -13.10
CA GLN B 114 0.47 0.16 -13.06
C GLN B 114 1.11 1.37 -13.71
N GLY B 115 0.31 2.12 -14.45
CA GLY B 115 0.80 3.32 -15.10
C GLY B 115 0.76 4.46 -14.09
N LEU B 116 1.79 5.30 -14.13
CA LEU B 116 1.86 6.46 -13.26
C LEU B 116 1.07 7.60 -13.91
N GLY B 117 0.70 8.59 -13.11
CA GLY B 117 -0.01 9.73 -13.66
C GLY B 117 -1.27 9.40 -14.43
N ASN B 118 -1.42 9.99 -15.62
CA ASN B 118 -2.61 9.74 -16.41
C ASN B 118 -2.53 8.49 -17.27
N GLY B 119 -1.52 7.67 -17.02
CA GLY B 119 -1.37 6.42 -17.75
C GLY B 119 -0.51 6.48 -18.99
N PHE B 120 -0.19 5.31 -19.52
CA PHE B 120 0.64 5.22 -20.71
C PHE B 120 -0.12 4.60 -21.86
N LEU B 121 0.58 4.35 -22.95
CA LEU B 121 -0.05 3.80 -24.13
C LEU B 121 0.53 2.48 -24.60
N VAL B 122 -0.36 1.55 -24.91
CA VAL B 122 0.04 0.27 -25.49
C VAL B 122 -0.47 0.48 -26.90
N ASP B 123 0.44 0.48 -27.86
CA ASP B 123 0.09 0.77 -29.24
C ASP B 123 0.22 -0.40 -30.20
N PHE B 124 -0.91 -0.83 -30.78
CA PHE B 124 -0.93 -1.93 -31.73
C PHE B 124 -1.10 -1.42 -33.16
N LYS B 125 -1.27 -0.12 -33.33
CA LYS B 125 -1.52 0.44 -34.66
C LYS B 125 -0.47 0.19 -35.73
N ASP B 126 0.78 0.02 -35.33
CA ASP B 126 1.86 -0.21 -36.29
C ASP B 126 2.24 -1.69 -36.41
N SER B 127 1.55 -2.54 -35.66
CA SER B 127 1.85 -3.96 -35.67
C SER B 127 1.23 -4.70 -36.85
N ARG B 128 1.98 -5.67 -37.39
CA ARG B 128 1.49 -6.46 -38.50
C ARG B 128 1.02 -7.81 -37.96
N ASP B 129 1.00 -7.91 -36.63
CA ASP B 129 0.57 -9.12 -35.93
C ASP B 129 -0.90 -8.93 -35.56
N LYS B 130 -1.75 -9.84 -36.03
CA LYS B 130 -3.18 -9.73 -35.74
C LYS B 130 -3.61 -10.52 -34.50
N ASN B 131 -2.77 -11.44 -34.06
CA ASN B 131 -3.08 -12.26 -32.90
C ASN B 131 -2.36 -11.72 -31.68
N LEU B 132 -2.93 -10.69 -31.07
CA LEU B 132 -2.31 -10.04 -29.93
C LEU B 132 -3.21 -9.78 -28.75
N ALA B 133 -2.68 -10.05 -27.57
CA ALA B 133 -3.36 -9.78 -26.31
C ALA B 133 -2.31 -9.02 -25.52
N VAL B 134 -2.74 -8.13 -24.64
CA VAL B 134 -1.79 -7.39 -23.82
C VAL B 134 -1.36 -8.27 -22.66
N PHE B 135 -2.35 -8.81 -21.94
CA PHE B 135 -2.09 -9.68 -20.80
C PHE B 135 -2.84 -11.01 -20.89
N LYS B 136 -2.17 -12.09 -20.56
CA LYS B 136 -2.82 -13.38 -20.46
C LYS B 136 -2.53 -13.78 -19.03
N LEU B 137 -3.58 -13.91 -18.24
CA LEU B 137 -3.42 -14.26 -16.84
C LEU B 137 -3.72 -15.73 -16.62
N GLY B 138 -2.95 -16.35 -15.74
CA GLY B 138 -3.14 -17.75 -15.43
C GLY B 138 -3.16 -17.92 -13.92
N ASP B 139 -2.18 -18.67 -13.40
CA ASP B 139 -2.11 -18.92 -11.97
C ASP B 139 -1.42 -17.75 -11.28
N VAL B 140 -2.18 -16.67 -11.06
CA VAL B 140 -1.69 -15.49 -10.40
C VAL B 140 -2.69 -15.06 -9.35
N ARG B 141 -2.19 -14.70 -8.17
CA ARG B 141 -3.06 -14.24 -7.09
C ARG B 141 -2.46 -13.01 -6.47
N ASN B 142 -3.36 -12.15 -6.01
CA ASN B 142 -3.02 -10.87 -5.39
C ASN B 142 -2.30 -10.01 -6.39
N TYR B 143 -3.06 -9.48 -7.34
CA TYR B 143 -2.47 -8.67 -8.40
C TYR B 143 -3.29 -7.44 -8.73
N LYS B 144 -2.63 -6.49 -9.39
CA LYS B 144 -3.28 -5.26 -9.81
C LYS B 144 -2.69 -4.84 -11.14
N ILE B 145 -3.57 -4.62 -12.12
CA ILE B 145 -3.19 -4.18 -13.46
C ILE B 145 -4.02 -2.92 -13.63
N SER B 146 -3.34 -1.82 -13.93
CA SER B 146 -4.05 -0.55 -13.96
C SER B 146 -3.46 0.56 -14.82
N ASN B 147 -4.31 1.51 -15.18
CA ASN B 147 -3.92 2.75 -15.84
C ASN B 147 -3.17 2.86 -17.17
N PHE B 148 -3.83 2.49 -18.25
CA PHE B 148 -3.23 2.63 -19.56
C PHE B 148 -4.28 2.58 -20.65
N THR B 149 -3.89 3.06 -21.83
CA THR B 149 -4.77 3.08 -22.97
C THR B 149 -4.21 2.10 -23.97
N ILE B 150 -5.10 1.40 -24.66
CA ILE B 150 -4.69 0.44 -25.66
C ILE B 150 -5.20 0.91 -27.02
N ASP B 151 -4.28 1.26 -27.91
CA ASP B 151 -4.67 1.68 -29.25
C ASP B 151 -4.63 0.41 -30.08
N ASP B 152 -5.78 -0.25 -30.18
CA ASP B 152 -5.92 -1.50 -30.92
C ASP B 152 -6.09 -1.18 -32.40
N ASN B 153 -6.07 -2.23 -33.21
CA ASN B 153 -6.26 -2.10 -34.64
C ASN B 153 -7.07 -3.32 -35.04
N LYS B 154 -8.18 -3.51 -34.33
CA LYS B 154 -9.08 -4.63 -34.57
C LYS B 154 -8.38 -5.98 -34.58
N THR B 155 -7.49 -6.19 -33.60
CA THR B 155 -6.76 -7.44 -33.51
C THR B 155 -7.66 -8.55 -32.94
N ILE B 156 -7.25 -9.78 -33.17
CA ILE B 156 -7.97 -10.93 -32.63
C ILE B 156 -7.60 -10.94 -31.15
N PHE B 157 -8.47 -11.53 -30.33
CA PHE B 157 -8.28 -11.65 -28.87
C PHE B 157 -8.57 -10.40 -28.07
N ALA B 158 -9.22 -10.61 -26.93
CA ALA B 158 -9.51 -9.50 -26.03
C ALA B 158 -8.12 -9.13 -25.50
N SER B 159 -7.96 -7.88 -25.07
CA SER B 159 -6.68 -7.41 -24.56
C SER B 159 -6.20 -8.05 -23.28
N ILE B 160 -7.14 -8.34 -22.38
CA ILE B 160 -6.78 -8.96 -21.11
C ILE B 160 -7.56 -10.25 -20.98
N LEU B 161 -6.83 -11.35 -21.02
CA LEU B 161 -7.43 -12.68 -20.92
C LEU B 161 -7.29 -13.18 -19.49
N VAL B 162 -8.40 -13.22 -18.77
CA VAL B 162 -8.41 -13.71 -17.39
C VAL B 162 -8.68 -15.19 -17.61
N ASP B 163 -7.60 -15.88 -17.98
CA ASP B 163 -7.65 -17.27 -18.39
C ASP B 163 -7.29 -18.37 -17.40
N VAL B 164 -7.35 -19.59 -17.91
CA VAL B 164 -6.99 -20.77 -17.14
C VAL B 164 -5.73 -21.31 -17.78
N THR B 165 -4.96 -22.05 -17.01
CA THR B 165 -3.73 -22.64 -17.52
C THR B 165 -3.61 -24.04 -16.93
N GLU B 166 -3.05 -24.95 -17.70
CA GLU B 166 -2.89 -26.32 -17.26
C GLU B 166 -1.54 -26.54 -16.59
N ARG B 167 -1.55 -27.21 -15.45
CA ARG B 167 -0.33 -27.53 -14.73
C ARG B 167 -0.57 -28.71 -13.81
N ASN B 168 0.29 -29.72 -13.93
CA ASN B 168 0.22 -30.93 -13.11
C ASN B 168 -1.13 -31.65 -13.17
N GLY B 169 -1.72 -31.72 -14.35
CA GLY B 169 -2.98 -32.43 -14.52
C GLY B 169 -4.28 -31.69 -14.26
N ARG B 170 -4.21 -30.42 -13.87
CA ARG B 170 -5.44 -29.67 -13.63
C ARG B 170 -5.30 -28.23 -14.10
N LEU B 171 -6.41 -27.50 -14.05
CA LEU B 171 -6.41 -26.09 -14.46
C LEU B 171 -6.26 -25.18 -13.26
N HIS B 172 -5.63 -24.04 -13.50
CA HIS B 172 -5.42 -23.03 -12.47
C HIS B 172 -5.80 -21.71 -13.11
N TRP B 173 -6.25 -20.76 -12.31
CA TRP B 173 -6.63 -19.46 -12.82
C TRP B 173 -6.42 -18.42 -11.74
N SER B 174 -6.70 -17.16 -12.07
CA SER B 174 -6.44 -16.10 -11.10
C SER B 174 -7.47 -15.88 -10.02
N ARG B 175 -6.99 -15.33 -8.92
CA ARG B 175 -7.82 -15.03 -7.76
C ARG B 175 -7.25 -13.83 -7.04
N ASN B 176 -8.14 -12.99 -6.53
CA ASN B 176 -7.76 -11.80 -5.77
C ASN B 176 -6.98 -10.80 -6.61
N GLY B 177 -7.70 -10.02 -7.39
CA GLY B 177 -7.03 -9.05 -8.23
C GLY B 177 -7.92 -7.90 -8.59
N ILE B 178 -7.29 -6.83 -9.07
CA ILE B 178 -7.98 -5.63 -9.51
C ILE B 178 -7.44 -5.29 -10.88
N ILE B 179 -8.35 -5.10 -11.83
CA ILE B 179 -7.98 -4.73 -13.20
C ILE B 179 -8.78 -3.46 -13.40
N GLU B 180 -8.09 -2.33 -13.54
CA GLU B 180 -8.80 -1.06 -13.62
C GLU B 180 -8.15 0.02 -14.45
N ARG B 181 -8.94 1.05 -14.73
CA ARG B 181 -8.48 2.22 -15.45
C ARG B 181 -7.80 1.91 -16.77
N ILE B 182 -8.55 1.28 -17.66
CA ILE B 182 -8.03 0.94 -18.97
C ILE B 182 -9.03 1.36 -20.02
N LYS B 183 -8.53 1.95 -21.09
CA LYS B 183 -9.36 2.36 -22.21
C LYS B 183 -8.79 1.67 -23.43
N GLN B 184 -9.67 1.08 -24.23
CA GLN B 184 -9.24 0.42 -25.45
C GLN B 184 -9.93 1.09 -26.63
N ASN B 185 -9.14 1.45 -27.63
CA ASN B 185 -9.66 2.09 -28.83
C ASN B 185 -9.62 1.13 -30.00
N ASN B 186 -10.62 1.25 -30.87
CA ASN B 186 -10.72 0.44 -32.08
C ASN B 186 -10.59 -1.06 -31.92
N ALA B 187 -11.44 -1.65 -31.08
CA ALA B 187 -11.43 -3.09 -30.87
C ALA B 187 -12.30 -3.78 -31.93
N LEU B 188 -11.97 -5.04 -32.21
CA LEU B 188 -12.73 -5.84 -33.16
C LEU B 188 -13.99 -6.31 -32.44
N PHE B 189 -15.11 -6.36 -33.15
CA PHE B 189 -16.38 -6.74 -32.56
C PHE B 189 -16.42 -8.03 -31.75
N GLY B 190 -15.68 -9.04 -32.20
CA GLY B 190 -15.69 -10.32 -31.50
C GLY B 190 -14.89 -10.34 -30.22
N TYR B 191 -14.20 -9.25 -29.93
CA TYR B 191 -13.38 -9.22 -28.73
C TYR B 191 -13.62 -8.00 -27.87
N GLY B 192 -12.55 -7.31 -27.51
CA GLY B 192 -12.72 -6.15 -26.65
C GLY B 192 -11.65 -6.08 -25.58
N LEU B 193 -11.99 -5.46 -24.46
CA LEU B 193 -11.01 -5.27 -23.40
C LEU B 193 -10.73 -6.48 -22.52
N ILE B 194 -11.76 -7.01 -21.89
CA ILE B 194 -11.59 -8.16 -20.99
C ILE B 194 -12.43 -9.34 -21.43
N GLN B 195 -11.85 -10.53 -21.32
CA GLN B 195 -12.64 -11.75 -21.54
C GLN B 195 -12.26 -12.63 -20.36
N THR B 196 -13.27 -13.12 -19.64
CA THR B 196 -13.05 -13.94 -18.46
C THR B 196 -13.39 -15.40 -18.67
N TYR B 197 -12.50 -16.28 -18.25
CA TYR B 197 -12.72 -17.72 -18.38
C TYR B 197 -12.72 -18.37 -16.99
N GLY B 198 -11.67 -18.11 -16.23
CA GLY B 198 -11.56 -18.64 -14.89
C GLY B 198 -11.15 -17.50 -14.00
N ALA B 199 -11.90 -17.26 -12.94
CA ALA B 199 -11.58 -16.16 -12.04
C ALA B 199 -12.34 -16.26 -10.73
N ASP B 200 -11.70 -15.83 -9.67
CA ASP B 200 -12.31 -15.81 -8.36
C ASP B 200 -11.92 -14.52 -7.65
N ASN B 201 -12.93 -13.80 -7.16
CA ASN B 201 -12.69 -12.57 -6.43
C ASN B 201 -11.83 -11.56 -7.18
N ILE B 202 -12.36 -11.08 -8.30
CA ILE B 202 -11.68 -10.10 -9.11
C ILE B 202 -12.56 -8.86 -9.21
N LEU B 203 -11.93 -7.70 -9.14
CA LEU B 203 -12.61 -6.43 -9.26
C LEU B 203 -12.20 -5.78 -10.57
N PHE B 204 -13.19 -5.47 -11.41
CA PHE B 204 -12.97 -4.81 -12.71
C PHE B 204 -13.54 -3.40 -12.53
N ARG B 205 -12.73 -2.37 -12.78
CA ARG B 205 -13.21 -1.02 -12.56
C ARG B 205 -12.70 0.02 -13.55
N ASN B 206 -13.60 0.91 -13.97
CA ASN B 206 -13.26 1.97 -14.90
C ASN B 206 -12.59 1.41 -16.15
N LEU B 207 -13.36 0.60 -16.87
CA LEU B 207 -12.92 -0.04 -18.09
C LEU B 207 -13.79 0.46 -19.23
N HIS B 208 -13.18 0.83 -20.34
CA HIS B 208 -13.94 1.33 -21.47
C HIS B 208 -13.35 0.77 -22.75
N SER B 209 -14.21 0.17 -23.56
CA SER B 209 -13.75 -0.38 -24.83
C SER B 209 -14.57 0.23 -25.95
N GLU B 210 -13.88 0.70 -26.98
CA GLU B 210 -14.54 1.24 -28.17
C GLU B 210 -14.54 0.05 -29.12
N GLY B 211 -15.72 -0.51 -29.35
CA GLY B 211 -15.83 -1.67 -30.21
C GLY B 211 -15.85 -2.92 -29.34
N GLY B 212 -16.47 -3.98 -29.84
CA GLY B 212 -16.52 -5.22 -29.09
C GLY B 212 -17.26 -5.09 -27.77
N ILE B 213 -16.74 -5.77 -26.75
CA ILE B 213 -17.34 -5.76 -25.42
C ILE B 213 -16.26 -5.44 -24.39
N ALA B 214 -16.57 -4.52 -23.49
CA ALA B 214 -15.60 -4.13 -22.47
C ALA B 214 -15.33 -5.24 -21.47
N LEU B 215 -16.38 -5.79 -20.87
CA LEU B 215 -16.26 -6.87 -19.91
C LEU B 215 -17.07 -8.04 -20.44
N ARG B 216 -16.38 -8.92 -21.16
CA ARG B 216 -17.00 -10.07 -21.78
C ARG B 216 -16.87 -11.31 -20.91
N MET B 217 -17.91 -11.59 -20.14
CA MET B 217 -17.89 -12.77 -19.28
C MET B 217 -18.48 -13.93 -20.04
N GLU B 218 -17.75 -14.32 -21.09
CA GLU B 218 -18.13 -15.42 -21.96
C GLU B 218 -17.13 -16.53 -21.65
N THR B 219 -17.54 -17.41 -20.75
CA THR B 219 -16.71 -18.51 -20.29
C THR B 219 -16.78 -19.72 -21.24
N ASP B 220 -16.06 -19.63 -22.36
CA ASP B 220 -16.08 -20.71 -23.34
C ASP B 220 -14.76 -21.35 -23.75
N ASN B 221 -13.75 -21.29 -22.90
CA ASN B 221 -12.46 -21.90 -23.21
C ASN B 221 -12.63 -23.43 -23.23
N LEU B 222 -12.21 -24.06 -24.33
CA LEU B 222 -12.34 -25.52 -24.47
C LEU B 222 -11.67 -26.32 -23.35
N LEU B 223 -10.57 -25.81 -22.81
CA LEU B 223 -9.88 -26.50 -21.73
C LEU B 223 -10.81 -26.71 -20.54
N MET B 224 -11.66 -25.72 -20.28
CA MET B 224 -12.58 -25.81 -19.15
C MET B 224 -13.64 -26.87 -19.36
N LYS B 225 -14.01 -27.09 -20.62
CA LYS B 225 -15.02 -28.10 -20.93
C LYS B 225 -14.42 -29.48 -20.75
N ASN B 226 -13.18 -29.67 -21.19
CA ASN B 226 -12.51 -30.95 -21.07
C ASN B 226 -12.16 -31.32 -19.63
N TYR B 227 -11.72 -30.34 -18.86
CA TYR B 227 -11.35 -30.58 -17.47
C TYR B 227 -12.52 -30.43 -16.51
N LYS B 228 -13.60 -29.82 -16.98
CA LYS B 228 -14.76 -29.57 -16.13
C LYS B 228 -14.27 -28.77 -14.93
N GLN B 229 -13.49 -27.73 -15.23
CA GLN B 229 -12.91 -26.86 -14.22
C GLN B 229 -12.88 -25.43 -14.76
N GLY B 230 -12.88 -24.45 -13.86
CA GLY B 230 -12.84 -23.07 -14.29
C GLY B 230 -14.07 -22.29 -13.90
N GLY B 231 -14.45 -21.34 -14.75
CA GLY B 231 -15.61 -20.52 -14.47
C GLY B 231 -15.24 -19.34 -13.60
N ILE B 232 -16.16 -18.41 -13.44
CA ILE B 232 -15.92 -17.23 -12.63
C ILE B 232 -16.91 -17.14 -11.48
N ARG B 233 -16.41 -16.74 -10.33
CA ARG B 233 -17.22 -16.61 -9.12
C ARG B 233 -16.79 -15.38 -8.32
N ASN B 234 -17.75 -14.75 -7.67
CA ASN B 234 -17.50 -13.58 -6.83
C ASN B 234 -16.74 -12.50 -7.56
N ILE B 235 -17.33 -12.07 -8.68
CA ILE B 235 -16.75 -11.04 -9.51
C ILE B 235 -17.48 -9.73 -9.24
N PHE B 236 -16.71 -8.65 -9.19
CA PHE B 236 -17.28 -7.33 -8.96
C PHE B 236 -16.80 -6.40 -10.06
N ALA B 237 -17.69 -5.56 -10.54
CA ALA B 237 -17.33 -4.60 -11.59
C ALA B 237 -18.01 -3.28 -11.32
N ASP B 238 -17.31 -2.20 -11.65
CA ASP B 238 -17.85 -0.87 -11.44
C ASP B 238 -17.33 0.08 -12.52
N ASN B 239 -18.24 0.86 -13.08
CA ASN B 239 -17.91 1.82 -14.13
C ASN B 239 -17.31 1.15 -15.36
N ILE B 240 -18.16 0.38 -16.05
CA ILE B 240 -17.77 -0.35 -17.25
C ILE B 240 -18.49 0.36 -18.40
N ARG B 241 -17.74 0.73 -19.42
CA ARG B 241 -18.32 1.48 -20.53
C ARG B 241 -18.02 0.93 -21.91
N CYS B 242 -18.97 1.16 -22.82
CA CYS B 242 -18.85 0.73 -24.20
C CYS B 242 -19.13 1.91 -25.12
N SER B 243 -18.47 1.96 -26.28
CA SER B 243 -18.71 3.02 -27.25
C SER B 243 -18.56 2.33 -28.61
N LYS B 244 -19.54 2.53 -29.49
CA LYS B 244 -19.52 1.94 -30.82
C LYS B 244 -19.22 0.45 -30.82
N GLY B 245 -19.79 -0.27 -29.87
CA GLY B 245 -19.54 -1.70 -29.79
C GLY B 245 -20.80 -2.54 -29.59
N LEU B 246 -20.61 -3.75 -29.10
CA LEU B 246 -21.74 -4.65 -28.87
C LEU B 246 -22.40 -4.37 -27.53
N ALA B 247 -21.59 -4.35 -26.48
CA ALA B 247 -22.11 -4.10 -25.13
C ALA B 247 -20.98 -3.77 -24.18
N ALA B 248 -21.32 -3.15 -23.06
CA ALA B 248 -20.31 -2.82 -22.06
C ALA B 248 -20.06 -4.07 -21.21
N VAL B 249 -21.16 -4.75 -20.87
CA VAL B 249 -21.08 -5.94 -20.05
C VAL B 249 -21.90 -7.06 -20.69
N MET B 250 -21.28 -8.22 -20.82
CA MET B 250 -21.98 -9.35 -21.43
C MET B 250 -21.78 -10.64 -20.64
N PHE B 251 -22.86 -11.39 -20.49
CA PHE B 251 -22.83 -12.66 -19.78
C PHE B 251 -23.15 -13.74 -20.80
N GLY B 252 -22.26 -14.71 -20.93
CA GLY B 252 -22.46 -15.81 -21.86
C GLY B 252 -21.73 -17.01 -21.27
N PRO B 253 -22.40 -17.78 -20.41
CA PRO B 253 -21.81 -18.95 -19.76
C PRO B 253 -21.49 -20.16 -20.63
N HIS B 254 -22.16 -20.28 -21.77
CA HIS B 254 -21.94 -21.42 -22.65
C HIS B 254 -22.25 -22.71 -21.89
N PHE B 255 -21.23 -23.51 -21.61
CA PHE B 255 -21.39 -24.79 -20.92
C PHE B 255 -20.99 -24.73 -19.44
N MET B 256 -20.43 -23.59 -19.04
CA MET B 256 -19.95 -23.43 -17.67
C MET B 256 -20.93 -22.92 -16.63
N LYS B 257 -20.88 -23.53 -15.44
CA LYS B 257 -21.72 -23.11 -14.34
C LYS B 257 -20.89 -22.12 -13.54
N ASN B 258 -21.24 -20.84 -13.68
CA ASN B 258 -20.51 -19.78 -12.99
C ASN B 258 -21.20 -19.34 -11.70
N GLY B 259 -20.48 -18.53 -10.92
CA GLY B 259 -21.01 -18.04 -9.66
C GLY B 259 -21.64 -16.65 -9.72
N ASP B 260 -21.48 -15.91 -8.63
CA ASP B 260 -22.07 -14.58 -8.51
C ASP B 260 -21.25 -13.47 -9.14
N VAL B 261 -21.96 -12.49 -9.70
CA VAL B 261 -21.33 -11.32 -10.33
C VAL B 261 -22.17 -10.10 -9.99
N GLN B 262 -21.51 -9.02 -9.60
CA GLN B 262 -22.22 -7.78 -9.30
C GLN B 262 -21.56 -6.68 -10.10
N VAL B 263 -22.38 -5.93 -10.82
CA VAL B 263 -21.86 -4.83 -11.63
C VAL B 263 -22.60 -3.55 -11.28
N THR B 264 -21.87 -2.46 -11.15
CA THR B 264 -22.48 -1.17 -10.86
C THR B 264 -21.96 -0.15 -11.85
N ASN B 265 -22.85 0.76 -12.26
CA ASN B 265 -22.50 1.84 -13.18
C ASN B 265 -22.00 1.34 -14.53
N VAL B 266 -22.95 0.99 -15.39
CA VAL B 266 -22.65 0.51 -16.72
C VAL B 266 -23.19 1.57 -17.68
N SER B 267 -22.39 1.95 -18.65
CA SER B 267 -22.83 2.97 -19.60
C SER B 267 -22.36 2.64 -21.00
N SER B 268 -23.20 2.98 -21.97
CA SER B 268 -22.86 2.72 -23.35
C SER B 268 -23.25 3.90 -24.21
N VAL B 269 -22.48 4.11 -25.27
CA VAL B 269 -22.78 5.18 -26.22
C VAL B 269 -22.68 4.53 -27.59
N SER B 270 -23.80 4.50 -28.29
CA SER B 270 -23.86 3.90 -29.60
C SER B 270 -23.41 2.43 -29.61
N CYS B 271 -23.88 1.63 -28.65
CA CYS B 271 -23.56 0.19 -28.65
C CYS B 271 -24.87 -0.54 -28.87
N GLY B 272 -24.77 -1.83 -29.17
CA GLY B 272 -25.96 -2.64 -29.39
C GLY B 272 -26.87 -2.50 -28.19
N SER B 273 -26.28 -2.65 -27.01
CA SER B 273 -26.97 -2.51 -25.74
C SER B 273 -25.90 -2.27 -24.70
N ALA B 274 -26.29 -1.87 -23.50
CA ALA B 274 -25.31 -1.63 -22.44
C ALA B 274 -24.98 -2.97 -21.80
N VAL B 275 -26.01 -3.76 -21.55
CA VAL B 275 -25.86 -5.08 -20.93
C VAL B 275 -26.48 -6.14 -21.83
N ARG B 276 -25.83 -7.28 -21.91
CA ARG B 276 -26.33 -8.38 -22.72
C ARG B 276 -26.10 -9.70 -22.01
N SER B 277 -27.10 -10.55 -22.01
CA SER B 277 -26.98 -11.87 -21.39
C SER B 277 -27.48 -12.91 -22.37
N ASP B 278 -26.65 -13.91 -22.63
CA ASP B 278 -26.99 -14.98 -23.55
C ASP B 278 -27.36 -16.23 -22.77
N SER B 279 -28.19 -17.08 -23.36
CA SER B 279 -28.57 -18.31 -22.69
C SER B 279 -27.39 -19.25 -22.73
N GLY B 280 -27.26 -20.09 -21.71
CA GLY B 280 -26.19 -21.06 -21.71
C GLY B 280 -26.66 -22.12 -22.68
N PHE B 281 -25.75 -22.92 -23.23
CA PHE B 281 -26.16 -23.94 -24.16
C PHE B 281 -25.28 -25.18 -24.15
N VAL B 282 -25.89 -26.31 -24.54
CA VAL B 282 -25.22 -27.59 -24.61
C VAL B 282 -24.74 -27.83 -26.03
N GLU B 283 -23.62 -28.51 -26.18
CA GLU B 283 -23.07 -28.79 -27.49
C GLU B 283 -22.55 -30.22 -27.60
N LEU B 284 -23.19 -31.00 -28.46
CA LEU B 284 -22.79 -32.39 -28.67
C LEU B 284 -21.61 -32.46 -29.63
N PHE B 285 -20.58 -33.19 -29.24
CA PHE B 285 -19.39 -33.35 -30.06
C PHE B 285 -19.27 -34.78 -30.58
N GLY B 308 -36.20 -31.04 -34.10
CA GLY B 308 -35.89 -32.01 -33.07
C GLY B 308 -35.09 -31.42 -31.92
N CYS B 309 -33.99 -32.08 -31.58
CA CYS B 309 -33.13 -31.63 -30.49
C CYS B 309 -31.78 -31.15 -31.01
N ALA B 310 -31.38 -31.65 -32.17
CA ALA B 310 -30.11 -31.29 -32.77
C ALA B 310 -30.20 -30.07 -33.67
N GLN B 311 -29.23 -29.16 -33.52
CA GLN B 311 -29.18 -27.96 -34.35
C GLN B 311 -28.44 -28.29 -35.63
N THR B 312 -28.41 -27.33 -36.55
CA THR B 312 -27.74 -27.51 -37.83
C THR B 312 -26.26 -27.16 -37.73
N ALA B 325 -22.60 -29.87 -32.83
CA ALA B 325 -24.05 -29.77 -32.95
C ALA B 325 -24.67 -29.23 -31.67
N ARG B 326 -25.19 -28.01 -31.74
CA ARG B 326 -25.82 -27.36 -30.61
C ARG B 326 -27.18 -27.99 -30.29
N VAL B 327 -27.46 -28.20 -29.01
CA VAL B 327 -28.72 -28.81 -28.59
C VAL B 327 -29.82 -27.75 -28.50
N THR B 328 -30.96 -28.07 -29.10
CA THR B 328 -32.12 -27.18 -29.12
C THR B 328 -32.57 -26.77 -27.72
N GLN B 329 -32.92 -25.49 -27.57
CA GLN B 329 -33.37 -24.97 -26.28
C GLN B 329 -34.78 -25.44 -25.93
N LYS B 330 -34.86 -26.67 -25.44
CA LYS B 330 -36.12 -27.28 -25.04
C LYS B 330 -35.83 -28.18 -23.85
N ASP B 331 -36.56 -27.98 -22.77
CA ASP B 331 -36.36 -28.75 -21.54
C ASP B 331 -36.57 -30.26 -21.64
N ALA B 332 -37.17 -30.71 -22.74
CA ALA B 332 -37.38 -32.13 -22.94
C ALA B 332 -36.10 -32.66 -23.55
N CYS B 333 -35.52 -31.85 -24.43
CA CYS B 333 -34.27 -32.18 -25.11
C CYS B 333 -33.09 -32.08 -24.15
N LEU B 334 -33.10 -31.04 -23.32
CA LEU B 334 -32.03 -30.81 -22.36
C LEU B 334 -32.03 -31.86 -21.24
N ASP B 335 -33.21 -32.27 -20.80
CA ASP B 335 -33.30 -33.29 -19.76
C ASP B 335 -32.62 -34.54 -20.26
N LYS B 336 -32.70 -34.76 -21.58
CA LYS B 336 -32.08 -35.92 -22.21
C LYS B 336 -30.57 -35.69 -22.31
N ALA B 337 -30.18 -34.43 -22.50
CA ALA B 337 -28.77 -34.08 -22.61
C ALA B 337 -28.03 -34.40 -21.31
N LYS B 338 -28.59 -33.94 -20.19
CA LYS B 338 -27.98 -34.17 -18.88
C LYS B 338 -27.95 -35.65 -18.53
N LEU B 339 -28.91 -36.41 -19.05
CA LEU B 339 -28.99 -37.83 -18.77
C LEU B 339 -27.99 -38.66 -19.58
N GLU B 340 -27.86 -38.33 -20.87
CA GLU B 340 -26.95 -39.07 -21.74
C GLU B 340 -25.49 -38.62 -21.63
N TYR B 341 -25.26 -37.31 -21.69
CA TYR B 341 -23.89 -36.80 -21.62
C TYR B 341 -23.52 -36.20 -20.26
N GLY B 342 -24.51 -35.99 -19.41
CA GLY B 342 -24.23 -35.41 -18.11
C GLY B 342 -23.98 -33.91 -18.17
N ILE B 343 -23.86 -33.40 -19.38
CA ILE B 343 -23.62 -31.96 -19.59
C ILE B 343 -24.94 -31.22 -19.53
N GLU B 344 -24.85 -29.92 -19.32
CA GLU B 344 -26.05 -29.07 -19.24
C GLU B 344 -25.70 -27.64 -19.59
N PRO B 345 -26.71 -26.81 -19.90
CA PRO B 345 -26.45 -25.41 -20.26
C PRO B 345 -25.74 -24.69 -19.11
N GLY B 346 -24.77 -23.86 -19.45
CA GLY B 346 -24.06 -23.12 -18.43
C GLY B 346 -24.99 -22.10 -17.80
N SER B 347 -24.52 -21.42 -16.76
CA SER B 347 -25.32 -20.43 -16.08
C SER B 347 -24.45 -19.56 -15.19
N PHE B 348 -25.10 -18.65 -14.47
CA PHE B 348 -24.45 -17.77 -13.51
C PHE B 348 -25.30 -17.85 -12.24
N GLY B 349 -24.71 -17.47 -11.12
CA GLY B 349 -25.43 -17.50 -9.86
C GLY B 349 -26.19 -16.22 -9.65
N THR B 350 -25.97 -15.57 -8.52
CA THR B 350 -26.63 -14.31 -8.21
C THR B 350 -25.95 -13.22 -9.04
N VAL B 351 -26.69 -12.64 -9.98
CA VAL B 351 -26.16 -11.58 -10.83
C VAL B 351 -27.03 -10.35 -10.74
N LYS B 352 -26.43 -9.24 -10.32
CA LYS B 352 -27.14 -7.98 -10.19
C LYS B 352 -26.33 -6.89 -10.87
N VAL B 353 -27.03 -6.09 -11.68
CA VAL B 353 -26.40 -4.99 -12.38
C VAL B 353 -27.15 -3.71 -12.01
N PHE B 354 -26.46 -2.79 -11.35
CA PHE B 354 -27.06 -1.54 -10.91
C PHE B 354 -26.63 -0.34 -11.75
N ASP B 355 -27.58 0.54 -12.04
CA ASP B 355 -27.34 1.77 -12.78
C ASP B 355 -26.81 1.55 -14.18
N VAL B 356 -27.73 1.35 -15.11
CA VAL B 356 -27.40 1.12 -16.50
C VAL B 356 -27.90 2.27 -17.36
N THR B 357 -27.01 2.86 -18.13
CA THR B 357 -27.38 3.97 -19.00
C THR B 357 -26.93 3.68 -20.41
N ALA B 358 -27.87 3.68 -21.34
CA ALA B 358 -27.56 3.43 -22.73
C ALA B 358 -27.92 4.65 -23.56
N ARG B 359 -26.92 5.24 -24.21
CA ARG B 359 -27.15 6.40 -25.06
C ARG B 359 -27.16 5.93 -26.50
N PHE B 360 -28.22 6.30 -27.19
CA PHE B 360 -28.43 5.92 -28.58
C PHE B 360 -27.36 6.47 -29.52
N GLY B 361 -27.00 5.67 -30.52
CA GLY B 361 -26.03 6.08 -31.51
C GLY B 361 -26.29 5.31 -32.79
N TYR B 362 -25.67 5.72 -33.89
CA TYR B 362 -25.87 5.05 -35.17
C TYR B 362 -24.71 4.16 -35.56
N ASN B 363 -23.73 4.01 -34.68
CA ASN B 363 -22.56 3.20 -34.99
C ASN B 363 -22.29 2.04 -34.06
N ALA B 364 -23.35 1.35 -33.66
CA ALA B 364 -23.21 0.20 -32.77
C ALA B 364 -22.84 -1.05 -33.55
N ASP B 365 -22.15 -1.98 -32.88
CA ASP B 365 -21.81 -3.26 -33.51
C ASP B 365 -23.09 -4.08 -33.31
N LEU B 366 -23.55 -4.72 -34.37
CA LEU B 366 -24.78 -5.51 -34.30
C LEU B 366 -24.60 -6.90 -34.88
N LYS B 367 -25.29 -7.87 -34.28
CA LYS B 367 -25.23 -9.24 -34.76
C LYS B 367 -26.43 -9.45 -35.68
N GLN B 368 -26.28 -10.35 -36.63
CA GLN B 368 -27.35 -10.60 -37.58
C GLN B 368 -28.65 -11.03 -36.92
N ASP B 369 -28.56 -11.88 -35.89
CA ASP B 369 -29.76 -12.33 -35.21
C ASP B 369 -30.39 -11.28 -34.30
N GLN B 370 -29.94 -10.04 -34.41
CA GLN B 370 -30.48 -8.94 -33.63
C GLN B 370 -31.16 -7.93 -34.54
N LEU B 371 -30.87 -8.02 -35.84
CA LEU B 371 -31.43 -7.08 -36.81
C LEU B 371 -32.95 -7.05 -36.89
N ASP B 372 -33.59 -8.17 -36.64
CA ASP B 372 -35.05 -8.23 -36.71
C ASP B 372 -35.71 -7.40 -35.63
N TYR B 373 -34.94 -7.00 -34.62
CA TYR B 373 -35.49 -6.18 -33.55
C TYR B 373 -35.69 -4.72 -33.97
N PHE B 374 -35.33 -4.41 -35.20
CA PHE B 374 -35.52 -3.06 -35.72
C PHE B 374 -36.94 -2.93 -36.27
N SER B 375 -37.64 -4.05 -36.35
CA SER B 375 -38.99 -4.07 -36.89
C SER B 375 -39.96 -3.06 -36.29
N THR B 376 -39.78 -2.71 -35.03
CA THR B 376 -40.69 -1.77 -34.37
C THR B 376 -40.36 -0.28 -34.54
N SER B 377 -39.07 0.05 -34.52
CA SER B 377 -38.66 1.45 -34.62
C SER B 377 -38.00 1.86 -35.93
N ASN B 378 -37.51 0.88 -36.66
CA ASN B 378 -36.78 1.17 -37.89
C ASN B 378 -37.12 0.12 -38.95
N PRO B 379 -38.40 0.06 -39.36
CA PRO B 379 -38.88 -0.90 -40.37
C PRO B 379 -38.19 -0.85 -41.71
N MET B 380 -37.52 0.26 -42.01
CA MET B 380 -36.81 0.36 -43.28
C MET B 380 -35.32 0.07 -43.09
N CYS B 381 -34.97 -0.38 -41.88
CA CYS B 381 -33.60 -0.72 -41.56
C CYS B 381 -32.63 0.39 -41.97
N LYS B 382 -33.00 1.63 -41.70
CA LYS B 382 -32.16 2.77 -42.05
C LYS B 382 -30.90 2.86 -41.21
N ARG B 383 -29.82 3.31 -41.84
CA ARG B 383 -28.53 3.48 -41.18
C ARG B 383 -27.80 2.19 -40.79
N VAL B 384 -28.33 1.04 -41.20
CA VAL B 384 -27.65 -0.24 -40.91
C VAL B 384 -26.79 -0.55 -42.16
N CYS B 385 -25.48 -0.76 -41.96
CA CYS B 385 -24.50 -1.06 -43.04
C CYS B 385 -23.90 -2.49 -42.85
N LEU B 386 -23.55 -3.15 -43.96
CA LEU B 386 -22.93 -4.48 -43.92
C LEU B 386 -21.47 -4.26 -44.31
N PRO B 387 -20.52 -4.54 -43.41
CA PRO B 387 -19.11 -4.35 -43.76
C PRO B 387 -18.73 -5.14 -45.00
N THR B 388 -17.82 -4.59 -45.80
CA THR B 388 -17.37 -5.27 -47.01
C THR B 388 -16.51 -6.47 -46.66
N LYS B 389 -16.27 -7.33 -47.65
CA LYS B 389 -15.44 -8.51 -47.42
C LYS B 389 -14.02 -8.10 -47.02
N GLU B 390 -13.56 -6.97 -47.57
CA GLU B 390 -12.22 -6.47 -47.25
C GLU B 390 -12.17 -6.04 -45.79
N GLN B 391 -13.27 -5.48 -45.30
CA GLN B 391 -13.33 -5.04 -43.91
C GLN B 391 -13.45 -6.25 -42.99
N TRP B 392 -14.30 -7.19 -43.36
CA TRP B 392 -14.48 -8.43 -42.60
C TRP B 392 -14.95 -9.50 -43.59
N SER B 393 -14.06 -10.44 -43.91
CA SER B 393 -14.32 -11.50 -44.87
C SER B 393 -15.58 -12.35 -44.67
N LYS B 394 -15.95 -12.59 -43.41
CA LYS B 394 -17.13 -13.40 -43.14
C LYS B 394 -18.37 -12.54 -43.00
N GLN B 395 -18.93 -12.11 -44.13
CA GLN B 395 -20.10 -11.26 -44.13
C GLN B 395 -21.28 -11.89 -43.40
N GLY B 396 -21.92 -11.08 -42.55
CA GLY B 396 -23.06 -11.56 -41.80
C GLY B 396 -22.73 -11.71 -40.32
N GLN B 397 -21.44 -11.73 -39.99
CA GLN B 397 -21.03 -11.88 -38.60
C GLN B 397 -21.12 -10.56 -37.86
N ILE B 398 -21.11 -9.47 -38.61
CA ILE B 398 -21.17 -8.15 -37.99
C ILE B 398 -21.82 -7.10 -38.89
N TYR B 399 -22.60 -6.23 -38.26
CA TYR B 399 -23.26 -5.12 -38.94
C TYR B 399 -23.02 -3.90 -38.09
N ILE B 400 -23.08 -2.73 -38.70
CA ILE B 400 -22.94 -1.49 -37.97
C ILE B 400 -24.27 -0.79 -38.15
N GLY B 401 -24.82 -0.26 -37.08
CA GLY B 401 -26.09 0.41 -37.18
C GLY B 401 -26.54 0.99 -35.86
N PRO B 402 -27.80 1.43 -35.79
CA PRO B 402 -28.36 2.01 -34.57
C PRO B 402 -28.38 1.08 -33.37
N SER B 403 -28.27 1.68 -32.19
CA SER B 403 -28.31 0.94 -30.94
C SER B 403 -29.69 0.28 -30.91
N LEU B 404 -29.78 -0.89 -30.29
CA LEU B 404 -31.05 -1.60 -30.25
C LEU B 404 -31.80 -1.57 -28.93
N ALA B 405 -31.08 -1.47 -27.82
CA ALA B 405 -31.75 -1.47 -26.53
C ALA B 405 -30.80 -1.10 -25.40
N ALA B 406 -31.34 -1.01 -24.20
CA ALA B 406 -30.51 -0.72 -23.04
C ALA B 406 -30.00 -2.07 -22.56
N VAL B 407 -30.90 -3.04 -22.53
CA VAL B 407 -30.57 -4.38 -22.06
C VAL B 407 -31.10 -5.46 -23.00
N ILE B 408 -30.28 -6.46 -23.25
CA ILE B 408 -30.69 -7.59 -24.08
C ILE B 408 -30.52 -8.84 -23.21
N ASP B 409 -31.60 -9.58 -23.04
CA ASP B 409 -31.56 -10.79 -22.22
C ASP B 409 -32.19 -11.93 -23.00
N THR B 410 -31.36 -12.83 -23.51
CA THR B 410 -31.84 -13.96 -24.28
C THR B 410 -31.91 -15.26 -23.48
N THR B 411 -31.94 -15.14 -22.16
CA THR B 411 -32.03 -16.33 -21.31
C THR B 411 -33.46 -16.87 -21.37
N PRO B 412 -33.61 -18.21 -21.47
CA PRO B 412 -34.91 -18.87 -21.53
C PRO B 412 -35.76 -18.73 -20.26
N GLU B 413 -36.62 -17.71 -20.26
CA GLU B 413 -37.49 -17.43 -19.11
C GLU B 413 -38.29 -18.65 -18.68
N THR B 414 -38.99 -19.28 -19.62
CA THR B 414 -39.81 -20.45 -19.33
C THR B 414 -38.99 -21.74 -19.34
N SER B 415 -37.83 -21.72 -18.72
CA SER B 415 -36.97 -22.90 -18.68
C SER B 415 -36.46 -23.25 -17.30
N LYS B 416 -36.22 -24.55 -17.09
CA LYS B 416 -35.71 -25.04 -15.81
C LYS B 416 -34.21 -24.78 -15.82
N TYR B 417 -33.66 -24.64 -17.02
CA TYR B 417 -32.24 -24.35 -17.20
C TYR B 417 -32.16 -22.91 -17.65
N ASP B 418 -32.13 -22.00 -16.68
CA ASP B 418 -32.08 -20.57 -16.94
C ASP B 418 -31.47 -19.84 -15.76
N TYR B 419 -30.83 -18.71 -16.03
CA TYR B 419 -30.25 -17.91 -14.96
C TYR B 419 -30.76 -16.50 -15.17
N ASP B 420 -30.67 -15.66 -14.13
CA ASP B 420 -31.17 -14.30 -14.23
C ASP B 420 -30.15 -13.22 -13.98
N VAL B 421 -30.18 -12.21 -14.84
CA VAL B 421 -29.31 -11.07 -14.71
C VAL B 421 -30.24 -9.93 -14.31
N LYS B 422 -30.36 -9.71 -13.01
CA LYS B 422 -31.23 -8.66 -12.48
C LYS B 422 -30.64 -7.28 -12.74
N THR B 423 -31.43 -6.42 -13.36
CA THR B 423 -30.98 -5.06 -13.63
C THR B 423 -31.79 -4.06 -12.82
N PHE B 424 -31.13 -2.99 -12.39
CA PHE B 424 -31.78 -1.95 -11.60
C PHE B 424 -31.42 -0.58 -12.12
N ASN B 425 -32.41 0.31 -12.14
CA ASN B 425 -32.22 1.67 -12.59
C ASN B 425 -31.62 1.72 -14.00
N VAL B 426 -32.39 1.21 -14.96
CA VAL B 426 -31.98 1.19 -16.36
C VAL B 426 -32.54 2.41 -17.06
N LYS B 427 -31.69 3.15 -17.76
CA LYS B 427 -32.12 4.35 -18.46
C LYS B 427 -31.60 4.39 -19.89
N ARG B 428 -32.40 4.99 -20.77
CA ARG B 428 -32.04 5.14 -22.17
C ARG B 428 -32.02 6.63 -22.48
N ILE B 429 -31.14 7.03 -23.40
CA ILE B 429 -31.02 8.43 -23.80
C ILE B 429 -31.02 8.54 -25.32
N ASN B 430 -31.89 9.40 -25.84
CA ASN B 430 -31.99 9.65 -27.28
C ASN B 430 -32.44 8.51 -28.18
N PHE B 431 -33.15 7.54 -27.63
CA PHE B 431 -33.64 6.44 -28.45
C PHE B 431 -34.89 6.91 -29.21
N PRO B 432 -35.12 6.36 -30.41
CA PRO B 432 -36.29 6.74 -31.21
C PRO B 432 -37.58 6.14 -30.65
N VAL B 433 -38.71 6.72 -31.05
CA VAL B 433 -39.99 6.20 -30.58
C VAL B 433 -40.12 4.75 -31.05
N ASN B 434 -40.83 3.96 -30.27
CA ASN B 434 -41.07 2.55 -30.58
C ASN B 434 -39.81 1.69 -30.60
N SER B 435 -38.78 2.12 -29.89
CA SER B 435 -37.57 1.33 -29.81
C SER B 435 -37.70 0.45 -28.55
N HIS B 436 -36.73 -0.43 -28.34
CA HIS B 436 -36.75 -1.35 -27.21
C HIS B 436 -35.90 -0.88 -26.04
N LYS B 437 -36.42 -1.03 -24.83
CA LYS B 437 -35.65 -0.69 -23.64
C LYS B 437 -34.94 -1.98 -23.29
N THR B 438 -35.73 -3.05 -23.16
CA THR B 438 -35.21 -4.36 -22.86
C THR B 438 -35.72 -5.34 -23.91
N ILE B 439 -34.79 -6.11 -24.48
CA ILE B 439 -35.16 -7.12 -25.46
C ILE B 439 -34.99 -8.47 -24.79
N ASP B 440 -36.07 -9.24 -24.73
CA ASP B 440 -36.02 -10.56 -24.11
C ASP B 440 -36.60 -11.60 -25.06
N THR B 441 -36.81 -12.82 -24.58
CA THR B 441 -37.33 -13.88 -25.43
C THR B 441 -38.76 -13.66 -25.91
N ASN B 442 -39.48 -12.74 -25.27
CA ASN B 442 -40.87 -12.48 -25.66
C ASN B 442 -40.98 -11.30 -26.63
N THR B 443 -39.89 -10.56 -26.79
CA THR B 443 -39.89 -9.42 -27.68
C THR B 443 -40.21 -9.84 -29.10
N GLU B 444 -41.16 -9.17 -29.72
CA GLU B 444 -41.54 -9.47 -31.08
C GLU B 444 -40.51 -8.95 -32.06
N SER B 445 -40.40 -9.62 -33.20
CA SER B 445 -39.44 -9.22 -34.22
C SER B 445 -39.88 -9.73 -35.58
N SER B 446 -39.37 -9.11 -36.63
CA SER B 446 -39.69 -9.51 -38.00
C SER B 446 -38.52 -9.05 -38.84
N ARG B 447 -38.28 -9.76 -39.94
CA ARG B 447 -37.17 -9.38 -40.80
C ARG B 447 -37.50 -8.12 -41.59
N VAL B 448 -36.72 -7.07 -41.36
CA VAL B 448 -36.91 -5.81 -42.04
C VAL B 448 -35.62 -5.40 -42.74
N CYS B 449 -34.54 -6.12 -42.46
CA CYS B 449 -33.25 -5.82 -43.06
C CYS B 449 -32.85 -6.80 -44.13
N ASN B 450 -32.10 -6.30 -45.11
CA ASN B 450 -31.59 -7.11 -46.21
C ASN B 450 -30.22 -7.58 -45.71
N TYR B 451 -30.19 -8.75 -45.08
CA TYR B 451 -28.97 -9.29 -44.49
C TYR B 451 -27.72 -9.24 -45.35
N TYR B 452 -27.84 -9.60 -46.63
CA TYR B 452 -26.65 -9.61 -47.47
C TYR B 452 -26.63 -8.60 -48.60
N GLY B 453 -27.74 -7.90 -48.81
CA GLY B 453 -27.81 -6.93 -49.88
C GLY B 453 -27.92 -5.47 -49.46
N MET B 454 -27.97 -5.23 -48.15
CA MET B 454 -28.07 -3.87 -47.64
C MET B 454 -26.82 -3.09 -47.98
N SER B 455 -26.89 -1.78 -47.79
CA SER B 455 -25.77 -0.90 -48.08
C SER B 455 -24.49 -1.35 -47.39
N GLU B 456 -23.38 -1.26 -48.10
CA GLU B 456 -22.09 -1.63 -47.54
C GLU B 456 -21.61 -0.47 -46.67
N CYS B 457 -20.78 -0.78 -45.67
CA CYS B 457 -20.23 0.23 -44.77
C CYS B 457 -19.12 0.98 -45.46
N SER B 458 -19.03 2.28 -45.24
CA SER B 458 -17.96 3.07 -45.85
C SER B 458 -16.68 2.75 -45.08
N SER B 459 -15.54 2.97 -45.71
CA SER B 459 -14.26 2.70 -45.05
C SER B 459 -14.13 3.54 -43.78
N SER B 460 -14.54 4.79 -43.87
CA SER B 460 -14.47 5.70 -42.73
C SER B 460 -15.27 5.18 -41.54
N ARG B 461 -16.46 4.66 -41.81
CA ARG B 461 -17.31 4.14 -40.75
C ARG B 461 -16.73 2.90 -40.09
N TRP B 462 -16.23 1.97 -40.90
CA TRP B 462 -15.66 0.75 -40.37
C TRP B 462 -14.36 1.02 -39.62
N GLU B 463 -13.52 1.87 -40.19
CA GLU B 463 -12.23 2.22 -39.61
C GLU B 463 -12.31 3.16 -38.41
N ARG B 464 -13.45 3.83 -38.24
CA ARG B 464 -13.61 4.78 -37.15
C ARG B 464 -12.59 5.90 -37.31
CA CA C . 21.88 -1.86 4.05
CA CA D . 26.97 15.36 -2.37
CA CA E . 1.29 4.11 40.07
CL CL F . 15.27 14.83 22.62
NA NA G . 20.33 1.68 -7.71
NA NA H . 20.85 13.46 18.61
NA NA I . 14.05 9.82 -14.01
C1 GOL J . 18.08 -0.88 10.05
O1 GOL J . 17.86 -0.90 8.63
C2 GOL J . 17.54 -2.16 10.78
O2 GOL J . 16.66 -2.88 9.90
C3 GOL J . 16.78 -1.77 12.09
O3 GOL J . 15.58 -2.55 12.24
C1 GOL K . -5.41 1.88 15.97
O1 GOL K . -5.85 3.13 15.40
C2 GOL K . -6.59 1.05 16.58
O2 GOL K . -7.34 1.91 17.49
C3 GOL K . -6.06 -0.21 17.35
O3 GOL K . -6.73 -0.38 18.61
C1 GOL L . -4.41 19.73 17.18
O1 GOL L . -5.68 19.23 17.60
C2 GOL L . -3.36 18.60 16.86
O2 GOL L . -2.88 18.78 15.50
C3 GOL L . -3.98 17.18 16.99
O3 GOL L . -3.59 16.35 15.91
CA CA M . 0.06 9.66 -20.41
CA CA N . 14.10 -0.84 -27.78
CA CA O . -33.47 -15.51 -17.09
CL CL P . -10.47 -13.28 -26.41
NA NA Q . 11.60 9.75 -15.80
NA NA R . -6.34 -8.44 -29.46
NA NA S . 19.34 2.02 -10.49
C1 GOL T . -5.53 5.34 -19.45
O1 GOL T . -4.33 5.72 -18.76
C2 GOL T . -6.83 6.00 -18.85
O2 GOL T . -6.54 6.52 -17.53
C3 GOL T . -7.99 4.95 -18.77
O3 GOL T . -8.69 5.05 -17.52
C1 GOL U . -14.65 -8.91 -1.90
O1 GOL U . -13.71 -9.97 -1.69
C2 GOL U . -15.82 -8.91 -0.85
O2 GOL U . -16.40 -10.23 -0.80
C3 GOL U . -16.91 -7.86 -1.23
O3 GOL U . -18.24 -8.39 -1.07
C1 GOL V . -7.25 -22.07 -8.85
O1 GOL V . -6.16 -21.66 -9.69
C2 GOL V . -8.32 -20.95 -8.67
O2 GOL V . -7.68 -19.65 -8.57
C3 GOL V . -9.19 -21.18 -7.39
O3 GOL V . -9.91 -19.98 -7.09
#